data_8ZT1
#
_entry.id   8ZT1
#
_cell.length_a   1.00
_cell.length_b   1.00
_cell.length_c   1.00
_cell.angle_alpha   90.00
_cell.angle_beta   90.00
_cell.angle_gamma   90.00
#
_symmetry.space_group_name_H-M   'P 1'
#
loop_
_entity.id
_entity.type
_entity.pdbx_description
1 polymer 'P2X purinoceptor 1'
2 non-polymer 2-acetamido-2-deoxy-beta-D-glucopyranose
3 non-polymer 3,5-bis(trifluoromethyl)aniline
4 non-polymer "ADENOSINE-5'-TRIPHOSPHATE"
5 non-polymer 'CALCIUM ION'
6 non-polymer 'MAGNESIUM ION'
7 water water
#
_entity_poly.entity_id   1
_entity_poly.type   'polypeptide(L)'
_entity_poly.pdbx_seq_one_letter_code
;MMARRLQDELSAFFFEYDTPRMVLVRNKKVGVIFRLIQLVVLVYVIGWVFVYEKGYQTSSGLISSVSVKLKGLAVTQLQG
LGPQVWDVADYVFPAHGDSSFVVMTNFIMTPQQAQGHCAENPEGGICQDDSGCTPGKAERKAQGIRTGNCVPFNGTVKTC
EIFGWCPVEVDDKIPSPALLHEAENFTLFIKNSISFPRFKVNRRNLVEEVNGTYMKKCLYHKILHPLCPVFSLGYVVRES
GQDFRSLAEKGGVVGITIDWECDLDWHVRHCKPIYQFHGLYGEKNLSPGFNFRFARHFVQNGTNRRHLFKVFGIRFDILV
DGKAGKFDIIPTMTTIGSGIGIFGVATVLCDLLLLHILPKRHYYKQKKFKYAEDMGPGEGERDPAATSSTLGLQENMRTS
KLLEVLFQGPHHHHHHHHHHDYKDDDDK
;
_entity_poly.pdbx_strand_id   A,B,C
#
loop_
_chem_comp.id
_chem_comp.type
_chem_comp.name
_chem_comp.formula
A1D8Z non-polymer 3,5-bis(trifluoromethyl)aniline 'C8 H5 F6 N'
ATP non-polymer ADENOSINE-5'-TRIPHOSPHATE 'C10 H16 N5 O13 P3'
CA non-polymer 'CALCIUM ION' 'Ca 2'
MG non-polymer 'MAGNESIUM ION' 'Mg 2'
NAG D-saccharide, beta linking 2-acetamido-2-deoxy-beta-D-glucopyranose 'C8 H15 N O6'
#
# COMPACT_ATOMS: atom_id res chain seq x y z
N ASN A 27 -44.87 50.01 13.69
CA ASN A 27 -44.74 49.96 12.24
C ASN A 27 -44.94 48.54 11.73
N LYS A 28 -45.82 48.39 10.74
CA LYS A 28 -46.13 47.06 10.22
C LYS A 28 -45.06 46.58 9.23
N LYS A 29 -44.39 47.51 8.55
CA LYS A 29 -43.40 47.13 7.55
C LYS A 29 -42.22 46.42 8.18
N VAL A 30 -41.68 46.97 9.28
CA VAL A 30 -40.54 46.34 9.94
C VAL A 30 -40.95 44.98 10.51
N GLY A 31 -42.18 44.87 10.99
CA GLY A 31 -42.65 43.60 11.53
C GLY A 31 -42.78 42.53 10.47
N VAL A 32 -43.36 42.88 9.31
CA VAL A 32 -43.52 41.90 8.25
C VAL A 32 -42.16 41.55 7.65
N ILE A 33 -41.23 42.51 7.63
CA ILE A 33 -39.87 42.20 7.17
C ILE A 33 -39.18 41.24 8.14
N PHE A 34 -39.39 41.45 9.44
CA PHE A 34 -38.83 40.53 10.43
C PHE A 34 -39.40 39.13 10.27
N ARG A 35 -40.72 39.03 10.08
CA ARG A 35 -41.34 37.73 9.88
C ARG A 35 -40.83 37.06 8.60
N LEU A 36 -40.65 37.84 7.53
CA LEU A 36 -40.15 37.28 6.29
C LEU A 36 -38.71 36.78 6.45
N ILE A 37 -37.88 37.53 7.18
CA ILE A 37 -36.51 37.08 7.40
C ILE A 37 -36.48 35.82 8.25
N GLN A 38 -37.36 35.75 9.25
CA GLN A 38 -37.46 34.53 10.06
C GLN A 38 -37.86 33.34 9.21
N LEU A 39 -38.85 33.53 8.32
CA LEU A 39 -39.28 32.45 7.44
C LEU A 39 -38.17 32.02 6.49
N VAL A 40 -37.41 32.99 5.98
CA VAL A 40 -36.29 32.67 5.09
C VAL A 40 -35.22 31.88 5.82
N VAL A 41 -34.92 32.28 7.06
CA VAL A 41 -33.94 31.54 7.86
C VAL A 41 -34.42 30.12 8.13
N LEU A 42 -35.71 29.97 8.43
CA LEU A 42 -36.25 28.63 8.67
C LEU A 42 -36.16 27.77 7.42
N VAL A 43 -36.52 28.33 6.26
CA VAL A 43 -36.44 27.58 5.02
C VAL A 43 -35.00 27.20 4.71
N TYR A 44 -34.05 28.12 4.97
CA TYR A 44 -32.65 27.81 4.74
C TYR A 44 -32.16 26.69 5.65
N VAL A 45 -32.57 26.72 6.92
CA VAL A 45 -32.18 25.65 7.85
C VAL A 45 -32.76 24.31 7.38
N ILE A 46 -34.01 24.32 6.93
CA ILE A 46 -34.65 23.08 6.50
C ILE A 46 -33.99 22.53 5.24
N GLY A 47 -33.64 23.42 4.30
CA GLY A 47 -33.16 22.95 3.00
C GLY A 47 -31.69 22.60 3.00
N TRP A 48 -30.85 23.41 3.66
CA TRP A 48 -29.41 23.26 3.60
C TRP A 48 -28.88 22.25 4.61
N VAL A 49 -29.24 22.40 5.88
CA VAL A 49 -28.70 21.53 6.92
C VAL A 49 -29.24 20.11 6.78
N PHE A 50 -30.55 19.99 6.50
CA PHE A 50 -31.17 18.66 6.51
C PHE A 50 -31.04 17.96 5.16
N VAL A 51 -31.30 18.66 4.07
CA VAL A 51 -31.43 18.04 2.75
C VAL A 51 -30.12 18.09 1.98
N TYR A 52 -29.45 19.24 1.98
CA TYR A 52 -28.26 19.39 1.13
C TYR A 52 -27.10 18.52 1.62
N GLU A 53 -26.75 18.64 2.89
CA GLU A 53 -25.62 17.89 3.46
C GLU A 53 -26.06 16.65 4.21
N LYS A 54 -27.35 16.34 4.22
CA LYS A 54 -27.90 15.16 4.88
C LYS A 54 -27.47 15.11 6.36
N GLY A 55 -27.84 16.16 7.10
CA GLY A 55 -27.50 16.21 8.51
C GLY A 55 -28.20 15.13 9.32
N TYR A 56 -29.40 14.73 8.90
CA TYR A 56 -30.16 13.71 9.62
C TYR A 56 -29.57 12.31 9.45
N GLN A 57 -28.52 12.15 8.64
CA GLN A 57 -27.90 10.86 8.41
C GLN A 57 -26.50 10.85 8.99
N THR A 58 -26.21 9.83 9.80
CA THR A 58 -24.85 9.62 10.28
C THR A 58 -24.01 8.95 9.21
N SER A 59 -22.72 9.32 9.18
CA SER A 59 -21.81 8.91 8.11
C SER A 59 -20.76 7.96 8.66
N SER A 60 -20.37 6.99 7.83
CA SER A 60 -19.39 5.98 8.18
C SER A 60 -18.47 5.71 7.00
N GLY A 61 -17.21 5.39 7.30
CA GLY A 61 -16.25 5.02 6.28
C GLY A 61 -16.26 3.53 5.98
N LEU A 62 -15.44 3.15 5.02
CA LEU A 62 -15.38 1.76 4.55
C LEU A 62 -13.96 1.20 4.67
N ILE A 63 -13.89 -0.12 4.72
CA ILE A 63 -12.64 -0.86 4.56
C ILE A 63 -12.72 -1.57 3.22
N SER A 64 -11.75 -1.32 2.34
CA SER A 64 -11.82 -1.76 0.96
C SER A 64 -10.59 -2.59 0.60
N SER A 65 -10.80 -3.55 -0.30
CA SER A 65 -9.73 -4.40 -0.82
C SER A 65 -9.91 -4.52 -2.33
N VAL A 66 -8.82 -4.32 -3.06
CA VAL A 66 -8.83 -4.32 -4.53
C VAL A 66 -7.94 -5.45 -5.02
N SER A 67 -8.45 -6.23 -5.98
CA SER A 67 -7.71 -7.30 -6.63
C SER A 67 -7.76 -7.08 -8.13
N VAL A 68 -6.60 -7.07 -8.79
CA VAL A 68 -6.49 -6.80 -10.21
C VAL A 68 -6.04 -8.06 -10.92
N LYS A 69 -6.64 -8.32 -12.08
CA LYS A 69 -6.28 -9.47 -12.91
C LYS A 69 -6.15 -9.01 -14.35
N LEU A 70 -5.01 -9.31 -14.96
CA LEU A 70 -4.71 -8.89 -16.33
C LEU A 70 -4.87 -10.07 -17.27
N LYS A 71 -5.62 -9.86 -18.35
CA LYS A 71 -5.75 -10.84 -19.42
C LYS A 71 -5.20 -10.21 -20.70
N GLY A 72 -4.19 -10.84 -21.27
CA GLY A 72 -3.54 -10.34 -22.47
C GLY A 72 -2.23 -11.05 -22.68
N LEU A 73 -1.82 -11.12 -23.95
CA LEU A 73 -0.60 -11.81 -24.33
C LEU A 73 0.17 -10.96 -25.33
N ALA A 74 1.50 -10.91 -25.19
CA ALA A 74 2.35 -10.11 -26.05
C ALA A 74 3.44 -11.00 -26.65
N VAL A 75 3.69 -10.86 -27.95
CA VAL A 75 4.73 -11.59 -28.64
C VAL A 75 5.82 -10.61 -29.05
N THR A 76 7.01 -10.78 -28.50
CA THR A 76 8.14 -9.90 -28.76
C THR A 76 9.25 -10.71 -29.42
N GLN A 77 9.64 -10.32 -30.63
CA GLN A 77 10.69 -10.99 -31.38
C GLN A 77 11.92 -10.11 -31.41
N LEU A 78 13.03 -10.62 -30.89
CA LEU A 78 14.29 -9.88 -30.83
C LEU A 78 15.27 -10.51 -31.83
N GLN A 79 16.06 -9.66 -32.47
CA GLN A 79 17.04 -10.14 -33.44
C GLN A 79 18.10 -10.98 -32.76
N GLY A 80 18.37 -12.16 -33.33
CA GLY A 80 19.32 -13.09 -32.76
C GLY A 80 18.80 -13.93 -31.62
N LEU A 81 17.51 -13.80 -31.28
CA LEU A 81 16.93 -14.56 -30.18
C LEU A 81 15.57 -15.09 -30.62
N GLY A 82 15.06 -16.07 -29.87
CA GLY A 82 13.79 -16.68 -30.16
C GLY A 82 12.62 -15.79 -29.77
N PRO A 83 11.45 -16.08 -30.32
CA PRO A 83 10.25 -15.31 -29.96
C PRO A 83 9.91 -15.49 -28.48
N GLN A 84 9.57 -14.39 -27.83
CA GLN A 84 9.25 -14.37 -26.40
C GLN A 84 7.77 -14.09 -26.20
N VAL A 85 7.11 -14.92 -25.41
CA VAL A 85 5.69 -14.78 -25.11
C VAL A 85 5.54 -14.26 -23.69
N TRP A 86 4.74 -13.20 -23.53
CA TRP A 86 4.50 -12.57 -22.24
C TRP A 86 3.02 -12.71 -21.91
N ASP A 87 2.74 -13.35 -20.77
CA ASP A 87 1.38 -13.59 -20.30
C ASP A 87 1.17 -12.90 -18.96
N VAL A 88 0.00 -13.15 -18.36
CA VAL A 88 -0.39 -12.47 -17.13
C VAL A 88 0.69 -12.63 -16.06
N ALA A 89 1.26 -13.83 -15.97
CA ALA A 89 2.32 -14.07 -14.99
C ALA A 89 3.59 -13.29 -15.33
N ASP A 90 3.77 -12.92 -16.60
CA ASP A 90 5.01 -12.28 -17.00
C ASP A 90 5.00 -10.78 -16.73
N TYR A 91 4.10 -10.03 -17.37
CA TYR A 91 4.14 -8.58 -17.28
C TYR A 91 3.54 -8.02 -15.99
N VAL A 92 2.80 -8.80 -15.21
CA VAL A 92 2.29 -8.25 -13.95
C VAL A 92 3.33 -8.48 -12.89
N PHE A 93 4.02 -7.43 -12.48
CA PHE A 93 5.13 -7.61 -11.53
C PHE A 93 4.81 -7.99 -10.10
N PRO A 94 3.83 -7.31 -9.45
CA PRO A 94 3.52 -7.85 -8.11
C PRO A 94 3.03 -9.26 -8.30
N ALA A 95 2.04 -9.48 -9.18
CA ALA A 95 1.52 -10.82 -9.50
C ALA A 95 0.66 -11.47 -8.42
N HIS A 96 0.32 -10.72 -7.38
CA HIS A 96 -0.55 -11.24 -6.34
C HIS A 96 -1.83 -10.42 -6.30
N GLY A 97 -2.17 -9.79 -7.42
CA GLY A 97 -3.35 -8.94 -7.46
C GLY A 97 -3.23 -7.73 -6.56
N ASP A 98 -2.03 -7.20 -6.42
CA ASP A 98 -1.80 -6.03 -5.59
C ASP A 98 -2.46 -4.78 -6.17
N SER A 99 -2.94 -3.89 -5.31
CA SER A 99 -3.60 -2.67 -5.78
C SER A 99 -2.67 -1.80 -6.60
N SER A 100 -1.42 -1.67 -6.18
CA SER A 100 -0.45 -0.91 -6.96
C SER A 100 0.33 -1.89 -7.79
N PHE A 101 0.26 -1.77 -9.10
CA PHE A 101 0.92 -2.74 -9.96
C PHE A 101 1.49 -2.10 -11.22
N VAL A 102 2.44 -2.77 -11.85
CA VAL A 102 3.06 -2.25 -13.05
C VAL A 102 2.93 -3.29 -14.16
N VAL A 103 2.49 -2.84 -15.33
CA VAL A 103 2.36 -3.70 -16.51
C VAL A 103 3.50 -3.39 -17.45
N MET A 104 4.23 -4.43 -17.86
CA MET A 104 5.37 -4.25 -18.74
C MET A 104 4.93 -3.71 -20.10
N THR A 105 5.57 -2.63 -20.54
CA THR A 105 5.34 -2.07 -21.86
C THR A 105 6.57 -2.07 -22.75
N ASN A 106 7.76 -1.95 -22.19
CA ASN A 106 8.99 -2.09 -22.96
C ASN A 106 10.07 -2.62 -22.03
N PHE A 107 11.01 -3.38 -22.60
CA PHE A 107 12.03 -4.00 -21.76
C PHE A 107 13.35 -4.08 -22.52
N ILE A 108 14.44 -3.89 -21.78
CA ILE A 108 15.79 -4.11 -22.27
C ILE A 108 16.39 -5.25 -21.45
N MET A 109 16.79 -6.32 -22.15
CA MET A 109 17.20 -7.56 -21.50
C MET A 109 18.67 -7.83 -21.75
N THR A 110 19.39 -8.17 -20.68
CA THR A 110 20.74 -8.69 -20.78
C THR A 110 20.74 -10.12 -20.24
N PRO A 111 20.95 -11.12 -21.09
CA PRO A 111 20.90 -12.51 -20.62
C PRO A 111 22.26 -13.06 -20.24
N GLN A 112 22.23 -14.13 -19.43
CA GLN A 112 23.41 -14.91 -19.10
C GLN A 112 24.48 -14.08 -18.40
N GLN A 113 24.06 -13.34 -17.37
CA GLN A 113 25.01 -12.55 -16.60
C GLN A 113 25.60 -13.42 -15.51
N ALA A 114 26.92 -13.57 -15.49
CA ALA A 114 27.56 -14.33 -14.43
C ALA A 114 28.62 -13.44 -13.81
N GLN A 115 28.76 -13.51 -12.49
CA GLN A 115 29.74 -12.68 -11.79
C GLN A 115 31.15 -12.90 -12.28
N GLY A 116 31.70 -11.93 -13.00
CA GLY A 116 33.03 -12.05 -13.54
C GLY A 116 33.59 -10.66 -13.75
N HIS A 117 34.90 -10.58 -13.99
CA HIS A 117 35.54 -9.29 -14.22
C HIS A 117 35.25 -8.75 -15.60
N CYS A 118 34.63 -7.59 -15.67
CA CYS A 118 34.26 -7.01 -16.96
C CYS A 118 34.51 -5.52 -17.03
N ALA A 119 34.65 -4.99 -18.24
CA ALA A 119 34.81 -3.56 -18.40
C ALA A 119 33.53 -2.86 -17.93
N GLU A 120 33.66 -1.78 -17.19
CA GLU A 120 32.48 -1.10 -16.66
C GLU A 120 31.72 -0.35 -17.72
N ASN A 121 30.46 -0.03 -17.45
CA ASN A 121 29.69 0.76 -18.40
C ASN A 121 30.41 2.10 -18.70
N PRO A 122 30.58 2.47 -20.00
CA PRO A 122 31.33 3.70 -20.30
C PRO A 122 30.85 4.91 -19.53
N GLU A 123 29.55 5.01 -19.30
CA GLU A 123 28.99 6.18 -18.63
C GLU A 123 29.58 6.36 -17.23
N GLY A 124 29.77 5.28 -16.50
CA GLY A 124 30.36 5.38 -15.19
C GLY A 124 31.78 5.93 -15.19
N GLY A 125 32.62 5.46 -16.10
CA GLY A 125 33.96 6.01 -16.22
C GLY A 125 34.68 5.75 -17.53
N ILE A 126 35.65 6.58 -17.88
CA ILE A 126 36.45 6.36 -19.08
C ILE A 126 37.93 6.56 -18.73
N CYS A 127 38.73 5.52 -18.85
CA CYS A 127 40.14 5.60 -18.48
C CYS A 127 40.99 5.57 -19.74
N GLN A 128 42.01 6.44 -19.79
CA GLN A 128 42.93 6.44 -20.92
C GLN A 128 44.03 5.39 -20.73
N ASP A 129 44.35 5.10 -19.46
CA ASP A 129 45.37 4.09 -19.15
C ASP A 129 45.07 3.38 -17.84
N ASP A 130 45.83 2.32 -17.53
CA ASP A 130 45.64 1.57 -16.30
C ASP A 130 45.92 2.41 -15.06
N SER A 131 46.90 3.29 -15.14
CA SER A 131 47.28 4.11 -13.99
C SER A 131 46.13 4.98 -13.51
N GLY A 132 45.33 5.48 -14.45
CA GLY A 132 44.22 6.33 -14.08
C GLY A 132 43.22 5.62 -13.18
N CYS A 133 42.96 4.34 -13.45
CA CYS A 133 42.06 3.57 -12.61
C CYS A 133 42.57 3.42 -11.19
N THR A 134 41.68 3.56 -10.22
CA THR A 134 42.08 3.36 -8.84
C THR A 134 41.26 2.21 -8.25
N PRO A 135 41.94 1.24 -7.63
CA PRO A 135 41.24 0.09 -7.06
C PRO A 135 40.30 0.57 -5.95
N GLY A 136 39.09 0.03 -5.90
CA GLY A 136 38.13 0.48 -4.91
C GLY A 136 36.73 0.57 -5.46
N LYS A 137 35.89 1.34 -4.80
CA LYS A 137 34.51 1.48 -5.25
C LYS A 137 34.18 2.86 -5.77
N ALA A 138 33.02 3.00 -6.41
CA ALA A 138 32.55 4.29 -6.89
C ALA A 138 31.63 4.92 -5.85
N GLU A 139 31.84 6.21 -5.58
CA GLU A 139 31.05 6.90 -4.57
C GLU A 139 29.58 6.97 -4.95
N ARG A 140 29.29 7.17 -6.23
CA ARG A 140 27.92 7.28 -6.73
C ARG A 140 27.73 6.34 -7.91
N LYS A 141 26.63 5.60 -7.91
CA LYS A 141 26.28 4.69 -9.00
C LYS A 141 27.39 3.67 -9.25
N ALA A 142 27.78 2.96 -8.18
CA ALA A 142 28.84 1.97 -8.30
C ALA A 142 28.39 0.78 -9.13
N GLN A 143 29.23 0.38 -10.08
CA GLN A 143 28.95 -0.76 -10.93
C GLN A 143 29.75 -2.00 -10.56
N GLY A 144 30.75 -1.88 -9.69
CA GLY A 144 31.54 -3.02 -9.30
C GLY A 144 32.76 -2.57 -8.51
N ILE A 145 33.65 -3.53 -8.24
CA ILE A 145 34.88 -3.21 -7.51
C ILE A 145 35.99 -3.06 -8.52
N ARG A 146 36.51 -1.85 -8.66
CA ARG A 146 37.54 -1.62 -9.66
C ARG A 146 38.77 -2.44 -9.37
N THR A 147 39.34 -3.05 -10.39
CA THR A 147 40.54 -3.86 -10.23
C THR A 147 41.76 -3.00 -10.51
N GLY A 148 41.54 -1.74 -10.87
CA GLY A 148 42.65 -0.86 -11.20
C GLY A 148 43.17 -1.08 -12.60
N ASN A 149 42.42 -1.80 -13.43
CA ASN A 149 42.86 -2.09 -14.79
C ASN A 149 41.96 -1.46 -15.83
N CYS A 150 42.54 -0.92 -16.89
CA CYS A 150 41.77 -0.25 -17.94
C CYS A 150 41.58 -1.20 -19.10
N VAL A 151 40.43 -1.88 -19.17
CA VAL A 151 40.25 -2.87 -20.23
C VAL A 151 39.32 -2.30 -21.29
N PRO A 152 39.47 -2.68 -22.56
CA PRO A 152 38.63 -2.07 -23.62
C PRO A 152 37.19 -2.55 -23.51
N PHE A 153 36.28 -1.59 -23.24
CA PHE A 153 34.85 -1.90 -23.30
C PHE A 153 34.43 -2.21 -24.73
N ASN A 154 34.90 -1.41 -25.68
CA ASN A 154 34.71 -1.70 -27.09
C ASN A 154 35.91 -1.18 -27.87
N GLY A 155 35.75 -1.08 -29.19
CA GLY A 155 36.88 -0.79 -30.05
C GLY A 155 37.57 0.52 -29.76
N THR A 156 36.78 1.60 -29.60
CA THR A 156 37.39 2.93 -29.53
C THR A 156 37.83 3.30 -28.12
N VAL A 157 36.98 3.06 -27.12
CA VAL A 157 37.20 3.54 -25.77
C VAL A 157 37.38 2.35 -24.83
N LYS A 158 38.05 2.59 -23.70
CA LYS A 158 38.26 1.58 -22.67
C LYS A 158 37.68 2.06 -21.35
N THR A 159 37.28 1.13 -20.49
CA THR A 159 36.74 1.48 -19.18
C THR A 159 37.43 0.67 -18.08
N CYS A 160 37.39 1.15 -16.84
CA CYS A 160 38.05 0.44 -15.75
C CYS A 160 37.40 -0.93 -15.49
N GLU A 161 38.22 -1.94 -15.20
CA GLU A 161 37.71 -3.29 -14.97
C GLU A 161 37.04 -3.37 -13.62
N ILE A 162 35.88 -4.04 -13.57
CA ILE A 162 35.17 -4.20 -12.34
C ILE A 162 34.85 -5.65 -12.13
N PHE A 163 34.46 -6.02 -10.91
CA PHE A 163 34.01 -7.39 -10.65
C PHE A 163 32.53 -7.27 -10.41
N GLY A 164 31.73 -7.79 -11.33
CA GLY A 164 30.29 -7.66 -11.23
C GLY A 164 29.72 -8.66 -12.21
N TRP A 165 28.50 -8.44 -12.66
CA TRP A 165 27.94 -9.33 -13.67
C TRP A 165 28.68 -9.15 -15.00
N CYS A 166 28.86 -10.24 -15.75
CA CYS A 166 29.69 -10.15 -16.97
C CYS A 166 29.26 -9.23 -18.11
N PRO A 167 27.97 -9.17 -18.42
CA PRO A 167 27.64 -8.19 -19.45
C PRO A 167 26.98 -6.98 -18.80
N VAL A 168 27.63 -5.83 -18.87
CA VAL A 168 27.05 -4.62 -18.31
C VAL A 168 25.83 -4.22 -19.14
N GLU A 169 24.79 -3.74 -18.48
CA GLU A 169 23.58 -3.37 -19.20
C GLU A 169 23.80 -2.08 -19.97
N VAL A 170 23.96 -2.18 -21.29
CA VAL A 170 24.12 -0.99 -22.10
C VAL A 170 22.68 -0.65 -22.39
N ASP A 171 22.14 0.36 -21.73
CA ASP A 171 20.74 0.62 -21.88
C ASP A 171 20.45 1.84 -22.66
N ASP A 172 21.39 2.29 -23.47
CA ASP A 172 21.22 3.53 -24.19
C ASP A 172 20.07 3.54 -25.15
N LYS A 173 19.90 2.46 -25.91
CA LYS A 173 18.87 2.44 -26.94
C LYS A 173 17.54 1.88 -26.49
N ILE A 174 16.70 2.74 -25.92
CA ILE A 174 15.37 2.30 -25.55
C ILE A 174 14.64 2.13 -26.88
N PRO A 175 13.96 1.00 -27.07
CA PRO A 175 13.34 0.82 -28.39
C PRO A 175 12.27 1.87 -28.67
N SER A 176 12.27 2.44 -29.87
CA SER A 176 11.24 3.40 -30.23
C SER A 176 9.90 2.66 -30.34
N PRO A 177 9.76 1.73 -31.34
CA PRO A 177 8.49 1.00 -31.26
C PRO A 177 8.41 0.18 -29.98
N ALA A 178 7.31 0.33 -29.24
CA ALA A 178 7.15 -0.42 -27.99
C ALA A 178 7.12 -1.92 -28.27
N LEU A 179 7.95 -2.65 -27.55
CA LEU A 179 8.00 -4.11 -27.73
C LEU A 179 6.68 -4.75 -27.33
N LEU A 180 6.16 -4.41 -26.15
CA LEU A 180 4.84 -4.85 -25.74
C LEU A 180 3.80 -3.79 -26.10
N HIS A 181 3.73 -3.49 -27.39
CA HIS A 181 2.75 -2.55 -27.92
C HIS A 181 1.35 -3.13 -27.97
N GLU A 182 1.23 -4.47 -28.00
CA GLU A 182 -0.07 -5.12 -27.93
C GLU A 182 -0.82 -4.80 -26.64
N ALA A 183 -0.15 -4.21 -25.65
CA ALA A 183 -0.84 -3.70 -24.48
C ALA A 183 -1.85 -2.62 -24.81
N GLU A 184 -1.79 -2.09 -26.04
CA GLU A 184 -2.86 -1.20 -26.51
C GLU A 184 -4.22 -1.90 -26.47
N ASN A 185 -4.24 -3.22 -26.65
CA ASN A 185 -5.44 -4.03 -26.48
C ASN A 185 -5.16 -5.09 -25.42
N PHE A 186 -5.38 -4.72 -24.15
CA PHE A 186 -5.30 -5.62 -23.01
C PHE A 186 -6.55 -5.44 -22.17
N THR A 187 -6.89 -6.46 -21.38
CA THR A 187 -8.05 -6.39 -20.50
C THR A 187 -7.62 -6.46 -19.04
N LEU A 188 -8.26 -5.66 -18.20
CA LEU A 188 -7.98 -5.62 -16.77
C LEU A 188 -9.28 -5.71 -15.98
N PHE A 189 -9.38 -6.71 -15.11
CA PHE A 189 -10.53 -6.90 -14.23
C PHE A 189 -10.16 -6.45 -12.83
N ILE A 190 -10.88 -5.46 -12.32
CA ILE A 190 -10.65 -4.90 -10.99
C ILE A 190 -11.83 -5.26 -10.12
N LYS A 191 -11.58 -6.06 -9.08
CA LYS A 191 -12.59 -6.47 -8.13
C LYS A 191 -12.35 -5.72 -6.82
N ASN A 192 -13.29 -4.85 -6.45
CA ASN A 192 -13.17 -4.03 -5.26
C ASN A 192 -14.29 -4.39 -4.28
N SER A 193 -13.91 -4.90 -3.12
CA SER A 193 -14.85 -5.29 -2.08
C SER A 193 -14.72 -4.31 -0.92
N ILE A 194 -15.83 -3.66 -0.57
CA ILE A 194 -15.86 -2.66 0.50
C ILE A 194 -16.80 -3.17 1.59
N SER A 195 -16.54 -2.75 2.82
CA SER A 195 -17.38 -3.09 3.96
C SER A 195 -17.47 -1.91 4.90
N PHE A 196 -18.70 -1.53 5.24
CA PHE A 196 -18.95 -0.53 6.29
C PHE A 196 -19.25 -1.26 7.58
N PRO A 197 -18.36 -1.19 8.58
CA PRO A 197 -18.60 -1.94 9.82
C PRO A 197 -19.61 -1.28 10.74
N ARG A 198 -19.67 0.05 10.77
CA ARG A 198 -20.66 0.73 11.59
C ARG A 198 -22.07 0.38 11.13
N PHE A 199 -22.27 0.22 9.83
CA PHE A 199 -23.55 -0.20 9.28
C PHE A 199 -23.57 -1.69 8.95
N LYS A 200 -22.42 -2.37 9.01
CA LYS A 200 -22.33 -3.81 8.78
C LYS A 200 -22.87 -4.19 7.40
N VAL A 201 -22.45 -3.46 6.37
CA VAL A 201 -22.93 -3.70 5.01
C VAL A 201 -21.73 -3.92 4.10
N ASN A 202 -21.75 -5.00 3.34
CA ASN A 202 -20.66 -5.36 2.43
C ASN A 202 -21.14 -5.18 0.99
N ARG A 203 -20.35 -4.45 0.21
CA ARG A 203 -20.65 -4.21 -1.19
C ARG A 203 -19.45 -4.61 -2.04
N ARG A 204 -19.71 -4.81 -3.34
CA ARG A 204 -18.70 -5.24 -4.28
C ARG A 204 -18.85 -4.46 -5.58
N ASN A 205 -17.75 -4.34 -6.32
CA ASN A 205 -17.80 -3.64 -7.60
C ASN A 205 -18.74 -4.34 -8.57
N LEU A 206 -18.86 -5.66 -8.47
CA LEU A 206 -19.82 -6.41 -9.27
C LEU A 206 -21.22 -6.20 -8.74
N VAL A 207 -22.09 -5.62 -9.55
CA VAL A 207 -23.43 -5.23 -9.11
C VAL A 207 -24.48 -6.07 -9.81
N GLU A 208 -25.74 -5.90 -9.43
CA GLU A 208 -26.82 -6.70 -10.01
C GLU A 208 -26.93 -6.47 -11.51
N GLU A 209 -26.50 -5.31 -12.00
CA GLU A 209 -26.52 -5.05 -13.44
C GLU A 209 -25.52 -5.94 -14.16
N VAL A 210 -24.36 -6.19 -13.55
CA VAL A 210 -23.33 -6.99 -14.18
C VAL A 210 -23.63 -8.47 -13.96
N ASN A 211 -23.59 -9.25 -15.04
CA ASN A 211 -23.78 -10.69 -14.99
C ASN A 211 -22.67 -11.37 -15.78
N GLY A 212 -22.67 -12.71 -15.74
CA GLY A 212 -21.64 -13.45 -16.44
C GLY A 212 -21.66 -13.24 -17.94
N THR A 213 -22.86 -13.26 -18.54
CA THR A 213 -22.98 -12.96 -19.96
C THR A 213 -22.47 -11.56 -20.27
N TYR A 214 -22.78 -10.60 -19.39
CA TYR A 214 -22.25 -9.25 -19.55
C TYR A 214 -20.73 -9.24 -19.34
N MET A 215 -20.25 -9.95 -18.32
CA MET A 215 -18.83 -9.96 -18.03
C MET A 215 -18.02 -10.49 -19.21
N LYS A 216 -18.60 -11.41 -19.97
CA LYS A 216 -17.86 -12.04 -21.04
C LYS A 216 -17.41 -11.07 -22.14
N LYS A 217 -18.28 -10.17 -22.56
CA LYS A 217 -17.94 -9.25 -23.65
C LYS A 217 -17.93 -7.77 -23.29
N CYS A 218 -17.91 -7.42 -22.02
CA CYS A 218 -18.01 -6.02 -21.64
C CYS A 218 -16.74 -5.19 -21.74
N LEU A 219 -16.85 -4.00 -22.31
CA LEU A 219 -15.72 -3.08 -22.37
C LEU A 219 -16.13 -1.77 -21.73
N TYR A 220 -15.28 -1.25 -20.85
CA TYR A 220 -15.64 -0.08 -20.06
C TYR A 220 -15.71 1.17 -20.93
N HIS A 221 -16.76 1.94 -20.76
CA HIS A 221 -16.89 3.19 -21.51
C HIS A 221 -17.65 4.14 -20.65
N LYS A 222 -17.02 5.24 -20.27
CA LYS A 222 -17.46 6.02 -19.12
C LYS A 222 -18.91 6.47 -19.27
N ILE A 223 -19.36 6.65 -20.50
CA ILE A 223 -20.75 6.96 -20.76
C ILE A 223 -21.59 5.72 -21.05
N LEU A 224 -21.15 4.82 -21.93
CA LEU A 224 -22.03 3.69 -22.24
C LEU A 224 -22.10 2.69 -21.09
N HIS A 225 -20.94 2.25 -20.60
CA HIS A 225 -20.88 1.19 -19.58
C HIS A 225 -20.16 1.73 -18.35
N PRO A 226 -20.87 2.49 -17.49
CA PRO A 226 -20.21 3.00 -16.28
C PRO A 226 -19.92 1.92 -15.25
N LEU A 227 -20.76 0.89 -15.17
CA LEU A 227 -20.60 -0.18 -14.20
C LEU A 227 -19.75 -1.34 -14.71
N CYS A 228 -19.13 -1.19 -15.88
CA CYS A 228 -18.32 -2.27 -16.43
C CYS A 228 -17.06 -2.46 -15.59
N PRO A 229 -16.76 -3.68 -15.15
CA PRO A 229 -15.55 -3.93 -14.37
C PRO A 229 -14.32 -4.30 -15.19
N VAL A 230 -14.45 -4.45 -16.51
CA VAL A 230 -13.34 -4.80 -17.38
C VAL A 230 -12.91 -3.54 -18.13
N PHE A 231 -11.66 -3.14 -17.91
CA PHE A 231 -11.13 -1.90 -18.46
C PHE A 231 -10.05 -2.24 -19.50
N SER A 232 -10.02 -1.46 -20.58
CA SER A 232 -8.91 -1.55 -21.52
C SER A 232 -7.79 -0.62 -21.07
N LEU A 233 -6.56 -1.16 -21.04
CA LEU A 233 -5.42 -0.36 -20.56
C LEU A 233 -5.21 0.87 -21.43
N GLY A 234 -5.30 0.71 -22.75
CA GLY A 234 -5.19 1.87 -23.62
C GLY A 234 -6.31 2.87 -23.40
N TYR A 235 -7.53 2.38 -23.20
CA TYR A 235 -8.65 3.27 -22.91
C TYR A 235 -8.45 3.99 -21.59
N VAL A 236 -7.91 3.30 -20.59
CA VAL A 236 -7.64 3.94 -19.30
C VAL A 236 -6.59 5.03 -19.46
N VAL A 237 -5.52 4.74 -20.20
CA VAL A 237 -4.47 5.74 -20.41
C VAL A 237 -5.01 6.94 -21.18
N ARG A 238 -5.91 6.68 -22.15
CA ARG A 238 -6.50 7.77 -22.92
C ARG A 238 -7.40 8.63 -22.04
N GLU A 239 -8.19 7.99 -21.17
CA GLU A 239 -9.06 8.76 -20.27
C GLU A 239 -8.25 9.54 -19.24
N SER A 240 -7.07 9.03 -18.87
CA SER A 240 -6.22 9.73 -17.92
C SER A 240 -5.75 11.06 -18.49
N GLY A 241 -5.51 11.12 -19.80
CA GLY A 241 -5.06 12.34 -20.44
C GLY A 241 -3.66 12.24 -20.99
N GLN A 242 -3.20 11.01 -21.24
CA GLN A 242 -1.85 10.74 -21.71
C GLN A 242 -1.90 9.84 -22.94
N ASP A 243 -0.94 10.03 -23.83
CA ASP A 243 -0.83 9.16 -25.01
C ASP A 243 -0.28 7.80 -24.60
N PHE A 244 -0.87 6.73 -25.13
CA PHE A 244 -0.43 5.39 -24.76
C PHE A 244 0.93 5.07 -25.34
N ARG A 245 1.16 5.42 -26.61
CA ARG A 245 2.41 5.07 -27.25
C ARG A 245 3.61 5.70 -26.57
N SER A 246 3.50 6.96 -26.17
CA SER A 246 4.60 7.64 -25.50
C SER A 246 4.87 7.01 -24.14
N LEU A 247 3.81 6.73 -23.40
CA LEU A 247 3.95 6.10 -22.09
C LEU A 247 4.54 4.70 -22.21
N ALA A 248 4.12 3.93 -23.21
CA ALA A 248 4.68 2.60 -23.41
C ALA A 248 6.15 2.67 -23.80
N GLU A 249 6.56 3.79 -24.41
CA GLU A 249 7.96 3.92 -24.83
C GLU A 249 8.90 4.06 -23.63
N LYS A 250 8.56 4.93 -22.68
CA LYS A 250 9.46 5.26 -21.59
C LYS A 250 8.85 5.15 -20.20
N GLY A 251 7.61 4.71 -20.08
CA GLY A 251 6.97 4.58 -18.79
C GLY A 251 5.93 5.67 -18.55
N GLY A 252 5.02 5.38 -17.62
CA GLY A 252 3.97 6.31 -17.27
C GLY A 252 3.31 5.92 -15.97
N VAL A 253 2.48 6.82 -15.46
CA VAL A 253 1.76 6.62 -14.21
C VAL A 253 0.30 7.00 -14.41
N VAL A 254 -0.59 6.03 -14.19
CA VAL A 254 -2.03 6.25 -14.28
C VAL A 254 -2.67 5.78 -12.98
N GLY A 255 -3.45 6.65 -12.35
CA GLY A 255 -4.12 6.33 -11.10
C GLY A 255 -5.62 6.19 -11.31
N ILE A 256 -6.15 5.05 -10.88
CA ILE A 256 -7.57 4.74 -10.96
C ILE A 256 -8.16 4.82 -9.56
N THR A 257 -9.16 5.67 -9.38
CA THR A 257 -9.81 5.88 -8.10
C THR A 257 -11.25 5.39 -8.16
N ILE A 258 -11.64 4.57 -7.19
CA ILE A 258 -12.99 4.03 -7.09
C ILE A 258 -13.67 4.72 -5.92
N ASP A 259 -14.75 5.43 -6.19
CA ASP A 259 -15.49 6.19 -5.19
C ASP A 259 -16.84 5.53 -4.95
N TRP A 260 -17.18 5.33 -3.69
CA TRP A 260 -18.46 4.75 -3.28
C TRP A 260 -19.25 5.80 -2.51
N GLU A 261 -20.11 6.53 -3.21
CA GLU A 261 -20.95 7.55 -2.62
C GLU A 261 -22.41 7.17 -2.82
N CYS A 262 -23.04 6.66 -1.75
CA CYS A 262 -24.41 6.19 -1.82
C CYS A 262 -25.11 6.47 -0.51
N ASP A 263 -26.44 6.50 -0.56
CA ASP A 263 -27.28 6.69 0.62
C ASP A 263 -27.96 5.37 0.93
N LEU A 264 -27.68 4.81 2.11
CA LEU A 264 -28.23 3.52 2.51
C LEU A 264 -29.70 3.59 2.91
N ASP A 265 -30.29 4.78 2.92
CA ASP A 265 -31.74 4.88 3.13
C ASP A 265 -32.50 4.19 2.01
N TRP A 266 -31.98 4.28 0.78
CA TRP A 266 -32.52 3.52 -0.32
C TRP A 266 -32.03 2.07 -0.26
N HIS A 267 -32.41 1.29 -1.27
CA HIS A 267 -31.95 -0.09 -1.35
C HIS A 267 -30.47 -0.13 -1.71
N VAL A 268 -29.82 -1.24 -1.37
CA VAL A 268 -28.40 -1.40 -1.67
C VAL A 268 -28.15 -1.51 -3.17
N ARG A 269 -29.20 -1.72 -3.96
CA ARG A 269 -29.05 -1.77 -5.41
C ARG A 269 -28.59 -0.41 -5.96
N HIS A 270 -29.04 0.67 -5.34
CA HIS A 270 -28.71 2.01 -5.84
C HIS A 270 -27.22 2.32 -5.65
N CYS A 271 -26.55 1.59 -4.77
CA CYS A 271 -25.13 1.81 -4.56
C CYS A 271 -24.34 1.48 -5.83
N LYS A 272 -23.68 2.49 -6.38
CA LYS A 272 -22.93 2.35 -7.62
C LYS A 272 -21.54 2.94 -7.44
N PRO A 273 -20.50 2.22 -7.84
CA PRO A 273 -19.14 2.77 -7.78
C PRO A 273 -18.86 3.68 -8.97
N ILE A 274 -18.01 4.67 -8.74
CA ILE A 274 -17.59 5.62 -9.76
C ILE A 274 -16.09 5.46 -9.98
N TYR A 275 -15.71 5.23 -11.23
CA TYR A 275 -14.31 5.02 -11.61
C TYR A 275 -13.78 6.30 -12.24
N GLN A 276 -12.69 6.83 -11.70
CA GLN A 276 -12.05 8.03 -12.22
C GLN A 276 -10.61 7.71 -12.57
N PHE A 277 -10.12 8.28 -13.67
CA PHE A 277 -8.77 8.03 -14.16
C PHE A 277 -7.99 9.33 -14.21
N HIS A 278 -6.78 9.31 -13.67
CA HIS A 278 -5.90 10.48 -13.66
C HIS A 278 -4.53 10.06 -14.19
N GLY A 279 -3.85 10.99 -14.87
CA GLY A 279 -2.51 10.74 -15.37
C GLY A 279 -1.50 11.57 -14.62
N LEU A 280 -0.57 10.89 -13.95
CA LEU A 280 0.47 11.54 -13.17
C LEU A 280 1.74 11.58 -14.00
N TYR A 281 2.05 12.76 -14.55
CA TYR A 281 3.16 12.93 -15.46
C TYR A 281 4.09 14.03 -14.95
N GLY A 282 5.26 14.11 -15.57
CA GLY A 282 6.23 15.13 -15.23
C GLY A 282 6.94 15.63 -16.48
N GLU A 283 7.96 16.44 -16.26
CA GLU A 283 8.74 16.97 -17.37
C GLU A 283 9.50 15.85 -18.07
N LYS A 284 9.39 15.81 -19.39
CA LYS A 284 10.05 14.76 -20.17
C LYS A 284 11.56 14.94 -20.18
N ASN A 285 12.04 16.15 -19.94
CA ASN A 285 13.47 16.40 -19.98
C ASN A 285 14.19 15.80 -18.77
N LEU A 286 13.53 15.81 -17.61
CA LEU A 286 14.13 15.30 -16.38
C LEU A 286 13.43 14.02 -15.96
N SER A 287 14.10 12.89 -16.15
CA SER A 287 13.60 11.57 -15.76
C SER A 287 12.20 11.28 -16.30
N PRO A 288 12.07 11.07 -17.61
CA PRO A 288 10.75 10.80 -18.18
C PRO A 288 10.30 9.37 -17.91
N GLY A 289 9.04 9.22 -17.52
CA GLY A 289 8.44 7.91 -17.35
C GLY A 289 8.92 7.19 -16.10
N PHE A 290 8.51 5.92 -16.01
CA PHE A 290 8.84 5.06 -14.89
C PHE A 290 9.56 3.83 -15.39
N ASN A 291 10.67 3.48 -14.74
CA ASN A 291 11.48 2.33 -15.14
C ASN A 291 12.03 1.65 -13.90
N PHE A 292 12.20 0.33 -13.99
CA PHE A 292 12.75 -0.44 -12.89
C PHE A 292 13.51 -1.65 -13.42
N ARG A 293 14.53 -2.06 -12.66
CA ARG A 293 15.40 -3.16 -13.06
C ARG A 293 15.20 -4.34 -12.10
N PHE A 294 14.96 -5.52 -12.67
CA PHE A 294 14.82 -6.74 -11.88
C PHE A 294 15.53 -7.90 -12.58
N ALA A 295 15.99 -8.86 -11.78
CA ALA A 295 16.78 -9.97 -12.30
C ALA A 295 16.10 -11.29 -11.98
N ARG A 296 16.17 -12.21 -12.94
CA ARG A 296 15.72 -13.59 -12.77
C ARG A 296 16.95 -14.48 -12.67
N HIS A 297 17.12 -15.13 -11.52
CA HIS A 297 18.30 -15.94 -11.24
C HIS A 297 18.00 -17.41 -11.52
N PHE A 298 19.00 -18.11 -12.05
CA PHE A 298 18.88 -19.53 -12.36
C PHE A 298 20.25 -20.18 -12.26
N VAL A 299 20.27 -21.50 -12.40
CA VAL A 299 21.49 -22.30 -12.37
C VAL A 299 21.57 -23.07 -13.67
N GLN A 300 22.58 -22.78 -14.48
CA GLN A 300 22.78 -23.44 -15.76
C GLN A 300 24.20 -23.98 -15.83
N ASN A 301 24.33 -25.26 -16.18
CA ASN A 301 25.63 -25.93 -16.30
C ASN A 301 26.42 -25.83 -15.01
N GLY A 302 25.72 -25.90 -13.88
CA GLY A 302 26.36 -25.79 -12.59
C GLY A 302 26.84 -24.41 -12.21
N THR A 303 26.44 -23.39 -12.95
CA THR A 303 26.88 -22.02 -12.71
C THR A 303 25.65 -21.14 -12.47
N ASN A 304 25.72 -20.30 -11.44
CA ASN A 304 24.64 -19.39 -11.14
C ASN A 304 24.69 -18.19 -12.09
N ARG A 305 23.63 -18.01 -12.87
CA ARG A 305 23.53 -16.91 -13.83
C ARG A 305 22.21 -16.20 -13.62
N ARG A 306 22.01 -15.11 -14.35
CA ARG A 306 20.79 -14.33 -14.23
C ARG A 306 20.52 -13.59 -15.53
N HIS A 307 19.23 -13.32 -15.77
CA HIS A 307 18.77 -12.45 -16.84
C HIS A 307 18.27 -11.16 -16.22
N LEU A 308 18.85 -10.03 -16.65
CA LEU A 308 18.50 -8.73 -16.10
C LEU A 308 17.57 -8.00 -17.06
N PHE A 309 16.48 -7.45 -16.53
CA PHE A 309 15.48 -6.75 -17.33
C PHE A 309 15.28 -5.35 -16.77
N LYS A 310 15.48 -4.34 -17.62
CA LYS A 310 15.06 -2.97 -17.33
C LYS A 310 13.74 -2.73 -18.03
N VAL A 311 12.68 -2.59 -17.26
CA VAL A 311 11.32 -2.50 -17.76
C VAL A 311 10.81 -1.08 -17.58
N PHE A 312 10.34 -0.49 -18.68
CA PHE A 312 9.56 0.74 -18.67
C PHE A 312 8.10 0.35 -18.83
N GLY A 313 7.31 0.55 -17.77
CA GLY A 313 5.92 0.14 -17.78
C GLY A 313 5.04 1.14 -17.08
N ILE A 314 3.77 1.15 -17.48
CA ILE A 314 2.79 2.05 -16.88
C ILE A 314 2.40 1.51 -15.51
N ARG A 315 2.48 2.36 -14.49
CA ARG A 315 2.17 1.98 -13.12
C ARG A 315 0.74 2.38 -12.79
N PHE A 316 -0.06 1.42 -12.35
CA PHE A 316 -1.45 1.64 -11.99
C PHE A 316 -1.62 1.52 -10.49
N ASP A 317 -2.16 2.57 -9.86
CA ASP A 317 -2.40 2.61 -8.43
C ASP A 317 -3.89 2.78 -8.19
N ILE A 318 -4.45 1.92 -7.33
CA ILE A 318 -5.88 1.91 -7.04
C ILE A 318 -6.08 2.50 -5.64
N LEU A 319 -6.84 3.59 -5.56
CA LEU A 319 -7.17 4.24 -4.30
C LEU A 319 -8.68 4.30 -4.17
N VAL A 320 -9.20 3.80 -3.05
CA VAL A 320 -10.63 3.71 -2.82
C VAL A 320 -10.99 4.57 -1.62
N ASP A 321 -11.92 5.50 -1.81
CA ASP A 321 -12.42 6.35 -0.75
C ASP A 321 -13.94 6.45 -0.88
N GLY A 322 -14.66 6.14 0.20
CA GLY A 322 -16.11 6.14 0.16
C GLY A 322 -16.70 6.42 1.52
N LYS A 323 -17.98 6.81 1.49
CA LYS A 323 -18.72 7.15 2.71
C LYS A 323 -20.16 6.71 2.55
N ALA A 324 -20.76 6.22 3.62
CA ALA A 324 -22.13 5.77 3.62
C ALA A 324 -22.91 6.52 4.70
N GLY A 325 -24.18 6.81 4.40
CA GLY A 325 -25.03 7.53 5.33
C GLY A 325 -26.30 6.79 5.68
N LYS A 326 -26.60 6.69 6.97
CA LYS A 326 -27.80 6.01 7.44
C LYS A 326 -28.58 6.90 8.39
N PHE A 327 -29.90 6.81 8.32
CA PHE A 327 -30.76 7.63 9.17
C PHE A 327 -30.61 7.24 10.63
N ASP A 328 -30.44 8.25 11.48
CA ASP A 328 -30.31 8.05 12.91
C ASP A 328 -30.96 9.23 13.63
N ILE A 329 -31.43 8.98 14.86
CA ILE A 329 -32.21 9.98 15.58
C ILE A 329 -31.30 11.00 16.24
N ILE A 330 -30.09 10.59 16.64
CA ILE A 330 -29.18 11.54 17.31
C ILE A 330 -28.71 12.64 16.36
N PRO A 331 -28.25 12.34 15.13
CA PRO A 331 -27.94 13.46 14.23
C PRO A 331 -29.13 14.34 13.90
N THR A 332 -30.33 13.75 13.81
CA THR A 332 -31.52 14.55 13.56
C THR A 332 -31.79 15.52 14.71
N MET A 333 -31.69 15.03 15.95
CA MET A 333 -31.90 15.92 17.09
C MET A 333 -30.83 16.99 17.18
N THR A 334 -29.57 16.64 16.87
CA THR A 334 -28.52 17.65 16.89
C THR A 334 -28.74 18.71 15.82
N THR A 335 -29.20 18.30 14.63
CA THR A 335 -29.49 19.27 13.59
C THR A 335 -30.67 20.16 13.96
N ILE A 336 -31.68 19.59 14.63
CA ILE A 336 -32.82 20.39 15.06
C ILE A 336 -32.37 21.42 16.10
N GLY A 337 -31.55 20.98 17.05
CA GLY A 337 -31.07 21.88 18.09
C GLY A 337 -30.29 23.00 17.46
N SER A 338 -29.44 22.68 16.50
CA SER A 338 -28.68 23.70 15.80
C SER A 338 -29.67 24.63 15.15
N GLY A 339 -30.90 24.16 14.97
CA GLY A 339 -31.92 24.98 14.36
C GLY A 339 -32.41 26.15 15.17
N ILE A 340 -32.83 25.89 16.40
CA ILE A 340 -33.25 26.97 17.26
C ILE A 340 -32.07 27.89 17.42
N GLY A 341 -30.87 27.34 17.27
CA GLY A 341 -29.67 28.14 17.38
C GLY A 341 -29.75 29.16 16.29
N ILE A 342 -30.08 28.78 15.07
CA ILE A 342 -30.24 29.78 14.03
C ILE A 342 -31.53 30.61 14.24
N PHE A 343 -32.55 29.98 14.80
CA PHE A 343 -33.81 30.70 15.06
C PHE A 343 -33.63 31.82 16.07
N GLY A 344 -32.92 31.55 17.15
CA GLY A 344 -32.67 32.57 18.16
C GLY A 344 -31.83 33.67 17.56
N VAL A 345 -30.86 33.29 16.76
CA VAL A 345 -30.01 34.28 16.11
C VAL A 345 -30.87 35.29 15.36
N ALA A 346 -31.99 34.87 14.80
CA ALA A 346 -32.80 35.76 14.00
C ALA A 346 -33.75 36.55 14.87
N THR A 347 -34.17 35.97 15.99
CA THR A 347 -35.03 36.71 16.92
C THR A 347 -34.28 37.94 17.43
N VAL A 348 -32.97 37.97 17.21
CA VAL A 348 -32.16 39.09 17.63
C VAL A 348 -31.29 39.63 16.50
N LEU A 349 -31.36 39.00 15.33
CA LEU A 349 -30.58 39.45 14.17
C LEU A 349 -30.96 40.84 13.77
N CYS A 350 -32.17 40.97 13.24
CA CYS A 350 -32.65 42.28 12.82
C CYS A 350 -33.00 43.18 13.99
N ASP A 351 -32.97 42.67 15.21
CA ASP A 351 -33.22 43.50 16.37
C ASP A 351 -31.97 44.33 16.62
N LEU A 352 -30.81 43.81 16.21
CA LEU A 352 -29.57 44.59 16.35
C LEU A 352 -29.39 45.43 15.12
N LEU A 353 -30.11 45.09 14.05
CA LEU A 353 -30.08 45.93 12.88
C LEU A 353 -31.05 47.08 13.17
N LEU A 354 -31.95 46.86 14.13
CA LEU A 354 -32.89 47.90 14.51
C LEU A 354 -32.30 48.86 15.51
N LEU A 355 -31.53 49.83 15.04
CA LEU A 355 -30.93 50.81 15.93
C LEU A 355 -31.10 52.20 15.35
N HIS A 356 -30.66 52.40 14.12
CA HIS A 356 -30.82 53.70 13.46
C HIS A 356 -30.37 54.86 14.33
N ASN B 27 -22.99 56.67 30.53
CA ASN B 27 -21.56 56.78 30.85
C ASN B 27 -20.72 56.60 29.59
N LYS B 28 -19.73 57.48 29.42
CA LYS B 28 -18.90 57.45 28.23
C LYS B 28 -17.84 56.36 28.31
N LYS B 29 -17.36 56.06 29.52
CA LYS B 29 -16.28 55.08 29.67
C LYS B 29 -16.74 53.69 29.27
N VAL B 30 -17.90 53.26 29.74
CA VAL B 30 -18.40 51.94 29.37
C VAL B 30 -18.69 51.88 27.87
N GLY B 31 -19.15 52.99 27.30
CA GLY B 31 -19.42 53.02 25.87
C GLY B 31 -18.15 52.87 25.04
N VAL B 32 -17.09 53.59 25.43
CA VAL B 32 -15.84 53.50 24.68
C VAL B 32 -15.18 52.14 24.90
N ILE B 33 -15.39 51.54 26.08
CA ILE B 33 -14.89 50.18 26.31
C ILE B 33 -15.62 49.19 25.42
N PHE B 34 -16.94 49.35 25.28
CA PHE B 34 -17.70 48.48 24.38
C PHE B 34 -17.26 48.67 22.93
N ARG B 35 -17.00 49.91 22.52
CA ARG B 35 -16.52 50.17 21.17
C ARG B 35 -15.15 49.54 20.94
N LEU B 36 -14.26 49.62 21.94
CA LEU B 36 -12.95 49.00 21.81
C LEU B 36 -13.06 47.48 21.74
N ILE B 37 -13.98 46.89 22.50
CA ILE B 37 -14.19 45.45 22.42
C ILE B 37 -14.70 45.06 21.04
N GLN B 38 -15.62 45.86 20.48
CA GLN B 38 -16.11 45.58 19.14
C GLN B 38 -15.00 45.67 18.11
N LEU B 39 -14.15 46.69 18.22
CA LEU B 39 -13.04 46.83 17.28
C LEU B 39 -12.04 45.69 17.42
N VAL B 40 -11.81 45.23 18.65
CA VAL B 40 -10.90 44.10 18.87
C VAL B 40 -11.47 42.83 18.23
N VAL B 41 -12.78 42.60 18.41
CA VAL B 41 -13.41 41.44 17.78
C VAL B 41 -13.33 41.55 16.26
N LEU B 42 -13.54 42.75 15.72
CA LEU B 42 -13.42 42.97 14.28
C LEU B 42 -12.03 42.60 13.78
N VAL B 43 -11.00 43.14 14.42
CA VAL B 43 -9.63 42.88 14.00
C VAL B 43 -9.30 41.40 14.12
N TYR B 44 -9.71 40.77 15.23
CA TYR B 44 -9.44 39.36 15.43
C TYR B 44 -10.08 38.51 14.34
N VAL B 45 -11.34 38.77 14.02
CA VAL B 45 -12.03 37.99 12.99
C VAL B 45 -11.37 38.21 11.63
N ILE B 46 -11.07 39.48 11.30
CA ILE B 46 -10.45 39.77 10.01
C ILE B 46 -9.11 39.08 9.87
N GLY B 47 -8.35 39.02 10.96
CA GLY B 47 -7.04 38.38 10.90
C GLY B 47 -7.12 36.87 10.89
N TRP B 48 -8.14 36.31 11.54
CA TRP B 48 -8.22 34.86 11.70
C TRP B 48 -8.87 34.19 10.49
N VAL B 49 -10.04 34.68 10.08
CA VAL B 49 -10.81 33.96 9.07
C VAL B 49 -10.15 34.08 7.69
N PHE B 50 -9.33 35.11 7.49
CA PHE B 50 -8.72 35.36 6.19
C PHE B 50 -7.19 35.24 6.20
N VAL B 51 -6.52 35.99 7.08
CA VAL B 51 -5.06 36.05 7.04
C VAL B 51 -4.45 34.76 7.58
N TYR B 52 -5.03 34.20 8.63
CA TYR B 52 -4.44 33.04 9.30
C TYR B 52 -4.99 31.72 8.75
N GLU B 53 -6.29 31.50 8.88
CA GLU B 53 -6.89 30.23 8.46
C GLU B 53 -7.11 30.13 6.96
N LYS B 54 -7.06 31.25 6.24
CA LYS B 54 -7.32 31.27 4.80
C LYS B 54 -8.70 30.67 4.48
N GLY B 55 -9.72 31.16 5.19
CA GLY B 55 -11.06 30.65 4.99
C GLY B 55 -11.61 30.96 3.61
N TYR B 56 -11.09 32.01 2.96
CA TYR B 56 -11.53 32.35 1.62
C TYR B 56 -11.13 31.29 0.60
N GLN B 57 -10.13 30.48 0.92
CA GLN B 57 -9.68 29.43 0.02
C GLN B 57 -10.45 28.13 0.27
N THR B 58 -10.57 27.34 -0.78
CA THR B 58 -11.09 25.99 -0.72
C THR B 58 -9.93 25.01 -0.87
N SER B 59 -10.02 23.89 -0.17
CA SER B 59 -8.92 22.94 -0.05
C SER B 59 -9.25 21.64 -0.78
N SER B 60 -8.22 21.02 -1.34
CA SER B 60 -8.33 19.75 -2.05
C SER B 60 -7.16 18.85 -1.69
N GLY B 61 -7.40 17.55 -1.79
CA GLY B 61 -6.41 16.54 -1.47
C GLY B 61 -5.85 15.92 -2.74
N LEU B 62 -4.57 15.54 -2.67
CA LEU B 62 -3.88 15.03 -3.84
C LEU B 62 -4.01 13.52 -3.96
N ILE B 63 -3.83 13.02 -5.18
CA ILE B 63 -3.56 11.62 -5.45
C ILE B 63 -2.10 11.52 -5.87
N SER B 64 -1.34 10.64 -5.20
CA SER B 64 0.10 10.60 -5.35
C SER B 64 0.57 9.19 -5.67
N SER B 65 1.66 9.11 -6.43
CA SER B 65 2.34 7.86 -6.73
C SER B 65 3.82 8.03 -6.48
N VAL B 66 4.43 7.06 -5.80
CA VAL B 66 5.83 7.12 -5.39
C VAL B 66 6.58 5.98 -6.08
N SER B 67 7.70 6.31 -6.70
CA SER B 67 8.61 5.34 -7.29
C SER B 67 9.96 5.45 -6.61
N VAL B 68 10.59 4.31 -6.34
CA VAL B 68 11.87 4.27 -5.63
C VAL B 68 12.91 3.62 -6.54
N LYS B 69 14.11 4.20 -6.57
CA LYS B 69 15.23 3.67 -7.33
C LYS B 69 16.46 3.62 -6.44
N LEU B 70 16.96 2.41 -6.19
CA LEU B 70 18.13 2.21 -5.35
C LEU B 70 19.35 1.98 -6.24
N LYS B 71 20.40 2.75 -6.01
CA LYS B 71 21.66 2.61 -6.74
C LYS B 71 22.78 2.39 -5.73
N GLY B 72 23.44 1.24 -5.85
CA GLY B 72 24.53 0.87 -4.97
C GLY B 72 24.87 -0.58 -5.17
N LEU B 73 26.11 -0.92 -4.83
CA LEU B 73 26.62 -2.28 -5.01
C LEU B 73 27.23 -2.76 -3.72
N ALA B 74 26.96 -4.02 -3.37
CA ALA B 74 27.46 -4.64 -2.15
C ALA B 74 28.22 -5.90 -2.50
N VAL B 75 29.30 -6.19 -1.77
CA VAL B 75 30.09 -7.38 -1.97
C VAL B 75 30.19 -8.13 -0.65
N THR B 76 29.76 -9.39 -0.66
CA THR B 76 29.81 -10.24 0.53
C THR B 76 30.68 -11.45 0.24
N GLN B 77 31.64 -11.71 1.14
CA GLN B 77 32.59 -12.81 0.97
C GLN B 77 32.49 -13.70 2.21
N LEU B 78 31.58 -14.67 2.14
CA LEU B 78 31.40 -15.61 3.26
C LEU B 78 32.48 -16.68 3.21
N GLN B 79 32.80 -17.23 4.38
CA GLN B 79 33.79 -18.30 4.46
C GLN B 79 33.28 -19.56 3.77
N GLY B 80 34.09 -20.10 2.87
CA GLY B 80 33.70 -21.26 2.09
C GLY B 80 32.87 -20.95 0.86
N LEU B 81 32.67 -19.67 0.54
CA LEU B 81 31.90 -19.27 -0.62
C LEU B 81 32.63 -18.15 -1.35
N GLY B 82 32.52 -18.15 -2.68
CA GLY B 82 33.12 -17.12 -3.49
C GLY B 82 32.45 -15.78 -3.28
N PRO B 83 33.05 -14.72 -3.82
CA PRO B 83 32.47 -13.38 -3.66
C PRO B 83 31.10 -13.28 -4.31
N GLN B 84 30.16 -12.70 -3.58
CA GLN B 84 28.79 -12.54 -4.04
C GLN B 84 28.46 -11.06 -4.15
N VAL B 85 27.87 -10.68 -5.28
CA VAL B 85 27.57 -9.29 -5.59
C VAL B 85 26.07 -9.06 -5.47
N TRP B 86 25.70 -7.98 -4.78
CA TRP B 86 24.31 -7.58 -4.61
C TRP B 86 24.11 -6.22 -5.27
N ASP B 87 23.11 -6.13 -6.14
CA ASP B 87 22.81 -4.91 -6.89
C ASP B 87 21.35 -4.54 -6.68
N VAL B 88 20.89 -3.54 -7.45
CA VAL B 88 19.55 -3.00 -7.27
C VAL B 88 18.51 -4.10 -7.35
N ALA B 89 18.66 -5.03 -8.28
CA ALA B 89 17.71 -6.12 -8.40
C ALA B 89 17.81 -7.08 -7.21
N ASP B 90 18.95 -7.13 -6.53
CA ASP B 90 19.10 -8.10 -5.46
C ASP B 90 18.62 -7.58 -4.11
N TYR B 91 19.23 -6.51 -3.61
CA TYR B 91 18.86 -5.97 -2.30
C TYR B 91 17.44 -5.37 -2.13
N VAL B 92 16.89 -4.69 -3.14
CA VAL B 92 15.54 -4.16 -2.96
C VAL B 92 14.53 -5.24 -3.24
N PHE B 93 13.79 -5.63 -2.22
CA PHE B 93 12.84 -6.74 -2.38
C PHE B 93 11.58 -6.60 -3.24
N PRO B 94 10.85 -5.47 -3.12
CA PRO B 94 9.70 -5.40 -4.03
C PRO B 94 10.16 -5.37 -5.47
N ALA B 95 11.20 -4.61 -5.79
CA ALA B 95 11.75 -4.54 -7.14
C ALA B 95 10.77 -4.13 -8.23
N HIS B 96 9.85 -3.22 -7.93
CA HIS B 96 8.94 -2.71 -8.96
C HIS B 96 8.54 -1.29 -8.59
N GLY B 97 9.29 -0.67 -7.69
CA GLY B 97 9.06 0.71 -7.31
C GLY B 97 8.05 0.98 -6.21
N ASP B 98 7.79 -0.02 -5.38
CA ASP B 98 6.79 0.14 -4.32
C ASP B 98 7.16 1.22 -3.31
N SER B 99 6.16 1.93 -2.83
CA SER B 99 6.41 2.96 -1.82
C SER B 99 6.97 2.33 -0.57
N SER B 100 6.45 1.16 -0.19
CA SER B 100 6.98 0.46 0.96
C SER B 100 7.95 -0.58 0.46
N PHE B 101 9.20 -0.51 0.89
CA PHE B 101 10.21 -1.43 0.40
C PHE B 101 11.24 -1.77 1.46
N VAL B 102 12.06 -2.78 1.20
CA VAL B 102 13.06 -3.22 2.16
C VAL B 102 14.40 -3.34 1.44
N VAL B 103 15.45 -2.80 2.06
CA VAL B 103 16.80 -2.88 1.54
C VAL B 103 17.58 -3.87 2.38
N MET B 104 18.20 -4.85 1.74
CA MET B 104 18.94 -5.87 2.46
C MET B 104 20.15 -5.28 3.17
N THR B 105 20.28 -5.59 4.46
CA THR B 105 21.43 -5.19 5.25
C THR B 105 22.24 -6.35 5.79
N ASN B 106 21.60 -7.46 6.15
CA ASN B 106 22.31 -8.67 6.55
C ASN B 106 21.48 -9.87 6.11
N PHE B 107 22.16 -10.99 5.85
CA PHE B 107 21.45 -12.17 5.39
C PHE B 107 22.13 -13.42 5.88
N ILE B 108 21.32 -14.44 6.16
CA ILE B 108 21.78 -15.79 6.47
C ILE B 108 21.28 -16.71 5.37
N MET B 109 22.19 -17.42 4.72
CA MET B 109 21.88 -18.19 3.52
C MET B 109 22.05 -19.68 3.79
N THR B 110 21.06 -20.46 3.38
CA THR B 110 21.16 -21.91 3.31
C THR B 110 20.99 -22.34 1.87
N PRO B 111 22.04 -22.82 1.21
CA PRO B 111 21.93 -23.19 -0.20
C PRO B 111 21.62 -24.66 -0.43
N GLN B 112 21.15 -24.98 -1.64
CA GLN B 112 20.94 -26.36 -2.07
C GLN B 112 19.98 -27.11 -1.16
N GLN B 113 18.84 -26.48 -0.87
CA GLN B 113 17.82 -27.14 -0.06
C GLN B 113 17.00 -28.10 -0.92
N ALA B 114 16.96 -29.37 -0.54
CA ALA B 114 16.19 -30.35 -1.30
C ALA B 114 15.07 -30.86 -0.42
N GLN B 115 14.08 -31.51 -1.01
CA GLN B 115 13.04 -32.09 -0.18
C GLN B 115 13.43 -33.50 0.19
N GLY B 116 13.83 -33.70 1.45
CA GLY B 116 14.22 -35.02 1.91
C GLY B 116 14.02 -35.12 3.40
N HIS B 117 14.49 -36.23 3.96
CA HIS B 117 14.37 -36.43 5.39
C HIS B 117 15.66 -36.03 6.05
N CYS B 118 15.57 -35.17 7.06
CA CYS B 118 16.74 -34.67 7.73
C CYS B 118 16.35 -34.27 9.12
N ALA B 119 17.32 -34.05 9.99
CA ALA B 119 17.05 -33.65 11.35
C ALA B 119 16.55 -32.25 11.50
N GLU B 120 15.65 -32.01 12.42
CA GLU B 120 15.08 -30.70 12.59
C GLU B 120 15.94 -29.80 13.39
N ASN B 121 15.62 -28.51 13.38
CA ASN B 121 16.44 -27.56 14.08
C ASN B 121 16.28 -27.85 15.55
N PRO B 122 17.38 -27.87 16.32
CA PRO B 122 17.18 -28.22 17.73
C PRO B 122 16.23 -27.29 18.46
N GLU B 123 16.18 -26.02 18.07
CA GLU B 123 15.34 -25.07 18.79
C GLU B 123 13.87 -25.49 18.74
N GLY B 124 13.48 -26.24 17.72
CA GLY B 124 12.10 -26.70 17.64
C GLY B 124 11.81 -27.81 18.64
N GLY B 125 12.60 -28.88 18.60
CA GLY B 125 12.39 -30.00 19.50
C GLY B 125 13.60 -30.92 19.49
N ILE B 126 13.79 -31.62 20.60
CA ILE B 126 14.89 -32.56 20.77
C ILE B 126 14.36 -33.82 21.43
N CYS B 127 14.87 -34.97 20.98
CA CYS B 127 14.46 -36.26 21.51
C CYS B 127 15.67 -36.98 22.09
N GLN B 128 15.57 -37.42 23.35
CA GLN B 128 16.63 -38.22 23.95
C GLN B 128 16.59 -39.65 23.44
N ASP B 129 15.42 -40.11 23.00
CA ASP B 129 15.26 -41.45 22.46
C ASP B 129 14.30 -41.41 21.27
N ASP B 130 14.29 -42.50 20.52
CA ASP B 130 13.43 -42.57 19.34
C ASP B 130 11.97 -42.75 19.72
N SER B 131 11.70 -43.49 20.80
CA SER B 131 10.32 -43.74 21.21
C SER B 131 9.66 -42.47 21.76
N GLY B 132 10.47 -41.50 22.19
CA GLY B 132 9.91 -40.28 22.76
C GLY B 132 9.13 -39.46 21.73
N CYS B 133 9.65 -39.37 20.51
CA CYS B 133 8.99 -38.61 19.48
C CYS B 133 7.77 -39.35 18.94
N THR B 134 6.81 -38.58 18.43
CA THR B 134 5.59 -39.13 17.86
C THR B 134 5.43 -38.63 16.41
N PRO B 135 5.03 -39.48 15.48
CA PRO B 135 4.84 -39.03 14.10
C PRO B 135 3.68 -38.05 14.00
N GLY B 136 3.90 -36.97 13.28
CA GLY B 136 2.88 -35.96 13.08
C GLY B 136 3.52 -34.63 12.71
N LYS B 137 2.77 -33.56 12.98
CA LYS B 137 3.20 -32.20 12.70
C LYS B 137 3.14 -31.37 13.96
N ALA B 138 4.07 -30.43 14.11
CA ALA B 138 4.09 -29.56 15.28
C ALA B 138 2.89 -28.62 15.27
N GLU B 139 2.46 -28.22 16.47
CA GLU B 139 1.26 -27.39 16.58
C GLU B 139 1.55 -25.95 16.20
N ARG B 140 2.58 -25.35 16.78
CA ARG B 140 2.86 -23.92 16.60
C ARG B 140 3.93 -23.65 15.55
N LYS B 141 5.13 -24.21 15.73
CA LYS B 141 6.23 -24.00 14.80
C LYS B 141 6.60 -25.36 14.21
N ALA B 142 6.15 -25.61 12.98
CA ALA B 142 6.34 -26.89 12.33
C ALA B 142 7.42 -26.77 11.26
N GLN B 143 8.45 -27.61 11.37
CA GLN B 143 9.51 -27.68 10.38
C GLN B 143 9.32 -28.82 9.38
N GLY B 144 8.34 -29.68 9.61
CA GLY B 144 8.09 -30.78 8.69
C GLY B 144 7.26 -31.85 9.37
N ILE B 145 7.17 -33.00 8.70
CA ILE B 145 6.44 -34.16 9.20
C ILE B 145 7.44 -35.07 9.89
N ARG B 146 7.27 -35.25 11.20
CA ARG B 146 8.19 -36.08 11.97
C ARG B 146 8.13 -37.55 11.64
N THR B 147 9.21 -38.10 11.10
CA THR B 147 9.28 -39.52 10.85
C THR B 147 9.22 -40.25 12.18
N GLY B 148 9.87 -39.69 13.20
CA GLY B 148 9.89 -40.30 14.52
C GLY B 148 11.05 -41.23 14.80
N ASN B 149 11.99 -41.35 13.86
CA ASN B 149 13.16 -42.18 14.09
C ASN B 149 14.33 -41.44 14.75
N CYS B 150 14.19 -40.13 14.96
CA CYS B 150 15.23 -39.36 15.68
C CYS B 150 16.67 -39.40 15.22
N VAL B 151 16.93 -39.17 13.93
CA VAL B 151 18.31 -39.12 13.46
C VAL B 151 19.08 -37.96 14.10
N PRO B 152 20.37 -38.18 14.40
CA PRO B 152 21.14 -37.13 15.09
C PRO B 152 21.37 -35.85 14.32
N PHE B 153 21.30 -34.71 14.99
CA PHE B 153 21.60 -33.44 14.36
C PHE B 153 22.96 -33.08 14.91
N ASN B 154 23.03 -32.91 16.22
CA ASN B 154 24.31 -32.65 16.87
C ASN B 154 25.05 -33.96 17.06
N GLY B 155 26.31 -33.85 17.48
CA GLY B 155 27.06 -35.05 17.83
C GLY B 155 26.63 -35.63 19.16
N THR B 156 26.17 -34.77 20.08
CA THR B 156 25.81 -35.23 21.41
C THR B 156 24.30 -35.50 21.52
N VAL B 157 23.48 -34.59 21.01
CA VAL B 157 22.03 -34.67 21.14
C VAL B 157 21.42 -34.93 19.77
N LYS B 158 20.20 -35.45 19.75
CA LYS B 158 19.49 -35.78 18.52
C LYS B 158 18.20 -34.98 18.43
N THR B 159 17.75 -34.73 17.19
CA THR B 159 16.52 -34.02 16.93
C THR B 159 15.61 -34.87 16.05
N CYS B 160 14.33 -34.51 16.03
CA CYS B 160 13.36 -35.26 15.24
C CYS B 160 13.65 -35.12 13.75
N GLU B 161 13.55 -36.24 13.04
CA GLU B 161 13.71 -36.22 11.59
C GLU B 161 12.39 -35.84 10.93
N ILE B 162 12.43 -34.77 10.15
CA ILE B 162 11.23 -34.29 9.50
C ILE B 162 11.36 -34.38 8.00
N PHE B 163 10.23 -34.31 7.28
CA PHE B 163 10.34 -34.27 5.83
C PHE B 163 10.13 -32.81 5.49
N GLY B 164 11.15 -32.18 4.96
CA GLY B 164 11.07 -30.76 4.69
C GLY B 164 12.27 -30.38 3.86
N TRP B 165 12.41 -29.11 3.52
CA TRP B 165 13.62 -28.70 2.82
C TRP B 165 14.82 -28.91 3.73
N CYS B 166 15.87 -29.54 3.21
CA CYS B 166 17.06 -29.79 4.00
C CYS B 166 18.31 -29.27 3.29
N PRO B 167 19.16 -28.52 3.99
CA PRO B 167 19.31 -28.49 5.46
C PRO B 167 18.51 -27.38 6.13
N VAL B 168 18.09 -27.60 7.36
CA VAL B 168 17.29 -26.61 8.08
C VAL B 168 18.12 -25.36 8.40
N GLU B 169 17.51 -24.19 8.27
CA GLU B 169 18.21 -22.94 8.54
C GLU B 169 18.55 -22.74 10.00
N VAL B 170 19.72 -22.19 10.29
CA VAL B 170 20.09 -21.89 11.67
C VAL B 170 20.23 -20.38 11.80
N ASP B 171 19.55 -19.80 12.79
CA ASP B 171 19.58 -18.35 12.97
C ASP B 171 20.15 -18.00 14.34
N ASP B 172 20.62 -18.99 15.08
CA ASP B 172 21.21 -18.77 16.39
C ASP B 172 22.41 -17.83 16.31
N LYS B 173 23.20 -17.95 15.25
CA LYS B 173 24.39 -17.13 15.06
C LYS B 173 24.07 -15.98 14.12
N ILE B 174 24.14 -14.76 14.63
CA ILE B 174 23.90 -13.56 13.85
C ILE B 174 25.23 -12.84 13.68
N PRO B 175 25.66 -12.57 12.45
CA PRO B 175 26.94 -11.88 12.25
C PRO B 175 26.91 -10.46 12.82
N SER B 176 27.81 -10.19 13.76
CA SER B 176 27.87 -8.85 14.35
C SER B 176 28.26 -7.79 13.34
N PRO B 177 29.26 -7.97 12.47
CA PRO B 177 29.47 -7.00 11.38
C PRO B 177 28.48 -7.22 10.26
N ALA B 178 27.76 -6.17 9.87
CA ALA B 178 26.77 -6.31 8.80
C ALA B 178 27.45 -6.65 7.49
N LEU B 179 26.90 -7.66 6.80
CA LEU B 179 27.47 -8.06 5.51
C LEU B 179 27.30 -6.95 4.48
N LEU B 180 26.10 -6.38 4.37
CA LEU B 180 25.86 -5.23 3.51
C LEU B 180 25.93 -3.96 4.35
N HIS B 181 27.12 -3.70 4.89
CA HIS B 181 27.37 -2.55 5.74
C HIS B 181 27.56 -1.27 4.95
N GLU B 182 27.71 -1.35 3.63
CA GLU B 182 27.83 -0.17 2.77
C GLU B 182 26.48 0.40 2.38
N ALA B 183 25.38 -0.16 2.91
CA ALA B 183 24.05 0.38 2.63
C ALA B 183 23.91 1.81 3.15
N GLU B 184 24.81 2.23 4.05
CA GLU B 184 24.84 3.62 4.48
C GLU B 184 25.03 4.57 3.31
N ASN B 185 25.78 4.14 2.30
CA ASN B 185 26.13 5.00 1.17
C ASN B 185 25.36 4.67 -0.10
N PHE B 186 24.34 3.83 -0.03
CA PHE B 186 23.50 3.57 -1.20
C PHE B 186 22.57 4.75 -1.43
N THR B 187 22.35 5.09 -2.70
CA THR B 187 21.57 6.26 -3.07
C THR B 187 20.13 5.87 -3.39
N LEU B 188 19.18 6.59 -2.80
CA LEU B 188 17.75 6.34 -3.02
C LEU B 188 17.15 7.55 -3.74
N PHE B 189 16.61 7.32 -4.92
CA PHE B 189 15.91 8.34 -5.70
C PHE B 189 14.42 8.11 -5.57
N ILE B 190 13.71 9.11 -5.05
CA ILE B 190 12.27 9.05 -4.84
C ILE B 190 11.60 9.97 -5.85
N LYS B 191 10.77 9.40 -6.72
CA LYS B 191 9.99 10.16 -7.69
C LYS B 191 8.54 10.15 -7.23
N ASN B 192 8.08 11.29 -6.73
CA ASN B 192 6.72 11.43 -6.21
C ASN B 192 5.92 12.33 -7.15
N SER B 193 4.92 11.75 -7.81
CA SER B 193 4.04 12.48 -8.72
C SER B 193 2.69 12.66 -8.05
N ILE B 194 2.31 13.90 -7.80
CA ILE B 194 1.05 14.23 -7.14
C ILE B 194 0.15 14.95 -8.14
N SER B 195 -1.16 14.86 -7.92
CA SER B 195 -2.13 15.57 -8.75
C SER B 195 -3.34 15.94 -7.92
N PHE B 196 -3.74 17.21 -8.02
CA PHE B 196 -4.99 17.69 -7.44
C PHE B 196 -6.04 17.74 -8.53
N PRO B 197 -7.08 16.91 -8.48
CA PRO B 197 -8.09 16.94 -9.56
C PRO B 197 -9.05 18.10 -9.45
N ARG B 198 -9.31 18.60 -8.24
CA ARG B 198 -10.22 19.74 -8.10
C ARG B 198 -9.68 20.96 -8.82
N PHE B 199 -8.38 21.20 -8.76
CA PHE B 199 -7.74 22.26 -9.50
C PHE B 199 -7.02 21.77 -10.75
N LYS B 200 -6.97 20.46 -10.95
CA LYS B 200 -6.35 19.85 -12.13
C LYS B 200 -4.89 20.30 -12.27
N VAL B 201 -4.12 20.15 -11.20
CA VAL B 201 -2.72 20.57 -11.19
C VAL B 201 -1.85 19.38 -10.82
N ASN B 202 -0.86 19.09 -11.66
CA ASN B 202 0.06 17.98 -11.43
C ASN B 202 1.43 18.51 -11.07
N ARG B 203 2.08 17.88 -10.09
CA ARG B 203 3.38 18.31 -9.60
C ARG B 203 4.26 17.10 -9.32
N ARG B 204 5.55 17.38 -9.22
CA ARG B 204 6.56 16.36 -8.94
C ARG B 204 7.62 16.96 -8.00
N ASN B 205 8.26 16.09 -7.22
CA ASN B 205 9.26 16.51 -6.25
C ASN B 205 10.47 17.18 -6.91
N LEU B 206 10.64 17.03 -8.23
CA LEU B 206 11.78 17.65 -8.90
C LEU B 206 11.41 18.99 -9.50
N VAL B 207 10.43 19.68 -8.92
CA VAL B 207 9.77 20.83 -9.56
C VAL B 207 10.72 22.01 -9.75
N GLU B 208 11.07 22.27 -11.01
CA GLU B 208 11.54 23.58 -11.45
C GLU B 208 12.85 24.05 -10.83
N GLU B 209 13.52 23.19 -10.05
CA GLU B 209 14.82 23.58 -9.50
C GLU B 209 15.89 22.56 -9.84
N VAL B 210 15.54 21.27 -9.77
CA VAL B 210 16.52 20.23 -10.07
C VAL B 210 16.71 20.13 -11.58
N ASN B 211 17.96 20.16 -12.02
CA ASN B 211 18.31 20.06 -13.42
C ASN B 211 19.15 18.83 -13.67
N GLY B 212 19.55 18.64 -14.93
CA GLY B 212 20.33 17.49 -15.33
C GLY B 212 21.68 17.40 -14.64
N THR B 213 22.25 18.56 -14.31
CA THR B 213 23.52 18.61 -13.61
C THR B 213 23.34 18.58 -12.09
N TYR B 214 22.27 19.20 -11.59
CA TYR B 214 22.03 19.22 -10.14
C TYR B 214 21.77 17.83 -9.61
N MET B 215 21.00 17.01 -10.35
CA MET B 215 20.65 15.67 -9.89
C MET B 215 21.89 14.82 -9.65
N LYS B 216 23.00 15.14 -10.34
CA LYS B 216 24.18 14.30 -10.26
C LYS B 216 24.91 14.44 -8.92
N LYS B 217 25.02 15.65 -8.41
CA LYS B 217 25.85 15.84 -7.23
C LYS B 217 25.13 16.36 -6.01
N CYS B 218 23.85 16.04 -5.89
CA CYS B 218 23.19 16.46 -4.68
C CYS B 218 22.87 15.26 -3.82
N LEU B 219 23.31 15.31 -2.57
CA LEU B 219 22.96 14.26 -1.65
C LEU B 219 22.17 15.04 -0.65
N TYR B 220 20.98 14.55 -0.32
CA TYR B 220 20.11 15.32 0.54
C TYR B 220 20.58 15.74 1.91
N HIS B 221 20.76 17.03 2.11
CA HIS B 221 20.98 17.55 3.45
C HIS B 221 19.74 18.29 3.91
N LYS B 222 19.59 18.43 5.23
CA LYS B 222 18.40 19.05 5.79
C LYS B 222 18.32 20.53 5.40
N ILE B 223 19.45 21.22 5.37
CA ILE B 223 19.50 22.65 5.10
C ILE B 223 20.12 22.94 3.74
N LEU B 224 21.15 22.18 3.36
CA LEU B 224 21.89 22.49 2.14
C LEU B 224 21.06 22.17 0.90
N HIS B 225 20.62 20.92 0.75
CA HIS B 225 19.93 20.46 -0.45
C HIS B 225 18.64 19.75 -0.06
N PRO B 226 17.60 20.51 0.27
CA PRO B 226 16.34 19.87 0.68
C PRO B 226 15.51 19.33 -0.47
N LEU B 227 15.52 20.00 -1.62
CA LEU B 227 14.63 19.62 -2.71
C LEU B 227 15.19 18.45 -3.52
N CYS B 228 16.47 18.14 -3.33
CA CYS B 228 17.09 17.06 -4.09
C CYS B 228 16.43 15.72 -3.73
N PRO B 229 16.04 14.93 -4.72
CA PRO B 229 15.39 13.64 -4.43
C PRO B 229 16.34 12.47 -4.20
N VAL B 230 17.64 12.71 -4.23
CA VAL B 230 18.64 11.66 -4.01
C VAL B 230 19.04 11.71 -2.54
N PHE B 231 18.65 10.70 -1.79
CA PHE B 231 18.90 10.63 -0.35
C PHE B 231 19.91 9.53 -0.07
N SER B 232 20.77 9.77 0.91
CA SER B 232 21.64 8.70 1.42
C SER B 232 20.88 7.92 2.49
N LEU B 233 20.91 6.59 2.37
CA LEU B 233 20.20 5.75 3.32
C LEU B 233 20.74 5.93 4.73
N GLY B 234 22.07 6.04 4.86
CA GLY B 234 22.65 6.30 6.17
C GLY B 234 22.22 7.63 6.74
N TYR B 235 22.16 8.67 5.89
CA TYR B 235 21.69 9.97 6.34
C TYR B 235 20.23 9.91 6.79
N VAL B 236 19.40 9.17 6.04
CA VAL B 236 18.00 9.02 6.42
C VAL B 236 17.87 8.31 7.76
N VAL B 237 18.65 7.25 7.96
CA VAL B 237 18.59 6.50 9.21
C VAL B 237 19.07 7.37 10.38
N ARG B 238 20.11 8.18 10.15
CA ARG B 238 20.61 9.04 11.21
C ARG B 238 19.62 10.16 11.54
N GLU B 239 18.92 10.67 10.53
CA GLU B 239 17.90 11.67 10.78
C GLU B 239 16.69 11.07 11.50
N SER B 240 16.42 9.80 11.26
CA SER B 240 15.32 9.13 11.94
C SER B 240 15.59 8.95 13.43
N GLY B 241 16.85 9.02 13.84
CA GLY B 241 17.21 8.89 15.24
C GLY B 241 17.71 7.52 15.66
N GLN B 242 18.28 6.75 14.75
CA GLN B 242 18.74 5.39 15.03
C GLN B 242 20.14 5.21 14.44
N ASP B 243 20.98 4.45 15.15
CA ASP B 243 22.30 4.13 14.64
C ASP B 243 22.18 3.13 13.49
N PHE B 244 22.97 3.34 12.44
CA PHE B 244 22.82 2.52 11.25
C PHE B 244 23.36 1.12 11.46
N ARG B 245 24.38 0.96 12.29
CA ARG B 245 24.99 -0.36 12.48
C ARG B 245 24.04 -1.32 13.19
N SER B 246 23.49 -0.90 14.33
CA SER B 246 22.55 -1.75 15.06
C SER B 246 21.26 -1.96 14.27
N LEU B 247 20.83 -0.94 13.53
CA LEU B 247 19.61 -1.07 12.72
C LEU B 247 19.83 -1.99 11.53
N ALA B 248 21.08 -2.10 11.06
CA ALA B 248 21.37 -2.97 9.93
C ALA B 248 21.63 -4.40 10.37
N GLU B 249 22.17 -4.58 11.58
CA GLU B 249 22.50 -5.91 12.07
C GLU B 249 21.23 -6.75 12.24
N LYS B 250 20.22 -6.21 12.92
CA LYS B 250 19.03 -6.97 13.26
C LYS B 250 17.79 -6.49 12.50
N GLY B 251 17.85 -5.35 11.83
CA GLY B 251 16.71 -4.82 11.13
C GLY B 251 16.13 -3.58 11.79
N GLY B 252 15.28 -2.89 11.03
CA GLY B 252 14.65 -1.67 11.54
C GLY B 252 13.61 -1.17 10.57
N VAL B 253 12.92 -0.10 11.00
CA VAL B 253 11.86 0.51 10.22
C VAL B 253 12.06 2.02 10.22
N VAL B 254 12.13 2.61 9.02
CA VAL B 254 12.25 4.04 8.84
C VAL B 254 11.12 4.50 7.92
N GLY B 255 10.37 5.51 8.36
CA GLY B 255 9.26 6.06 7.61
C GLY B 255 9.59 7.43 7.06
N ILE B 256 9.40 7.58 5.75
CA ILE B 256 9.61 8.83 5.05
C ILE B 256 8.26 9.40 4.64
N THR B 257 7.97 10.62 5.08
CA THR B 257 6.71 11.27 4.80
C THR B 257 6.97 12.52 3.95
N ILE B 258 6.29 12.62 2.81
CA ILE B 258 6.42 13.75 1.91
C ILE B 258 5.14 14.58 2.01
N ASP B 259 5.28 15.81 2.53
CA ASP B 259 4.15 16.71 2.72
C ASP B 259 4.18 17.77 1.64
N TRP B 260 3.03 18.01 1.01
CA TRP B 260 2.89 19.01 -0.04
C TRP B 260 1.94 20.10 0.43
N GLU B 261 2.48 21.30 0.66
CA GLU B 261 1.68 22.47 0.99
C GLU B 261 1.69 23.40 -0.21
N CYS B 262 0.59 23.42 -0.95
CA CYS B 262 0.49 24.15 -2.21
C CYS B 262 -0.55 25.25 -2.10
N ASP B 263 -0.18 26.43 -2.58
CA ASP B 263 -1.08 27.58 -2.63
C ASP B 263 -1.29 27.95 -4.09
N LEU B 264 -2.49 27.70 -4.61
CA LEU B 264 -2.77 27.97 -6.02
C LEU B 264 -2.78 29.47 -6.31
N ASP B 265 -3.00 30.31 -5.29
CA ASP B 265 -2.96 31.75 -5.50
C ASP B 265 -1.57 32.21 -5.91
N TRP B 266 -0.54 31.64 -5.28
CA TRP B 266 0.83 31.94 -5.69
C TRP B 266 1.21 31.11 -6.91
N HIS B 267 2.43 31.35 -7.41
CA HIS B 267 2.91 30.62 -8.57
C HIS B 267 3.17 29.16 -8.21
N VAL B 268 3.21 28.31 -9.23
CA VAL B 268 3.40 26.88 -9.01
C VAL B 268 4.82 26.58 -8.57
N ARG B 269 5.75 27.51 -8.80
CA ARG B 269 7.15 27.28 -8.40
C ARG B 269 7.29 27.27 -6.89
N HIS B 270 6.39 27.93 -6.18
CA HIS B 270 6.46 27.94 -4.72
C HIS B 270 6.09 26.59 -4.12
N CYS B 271 5.30 25.80 -4.84
CA CYS B 271 4.94 24.47 -4.38
C CYS B 271 6.18 23.60 -4.28
N LYS B 272 6.55 23.22 -3.06
CA LYS B 272 7.75 22.44 -2.81
C LYS B 272 7.44 21.39 -1.75
N PRO B 273 7.93 20.16 -1.92
CA PRO B 273 7.65 19.12 -0.92
C PRO B 273 8.58 19.22 0.27
N ILE B 274 8.12 18.70 1.40
CA ILE B 274 8.89 18.65 2.64
C ILE B 274 9.03 17.19 3.03
N TYR B 275 10.27 16.76 3.28
CA TYR B 275 10.57 15.38 3.62
C TYR B 275 10.81 15.28 5.12
N GLN B 276 10.13 14.35 5.77
CA GLN B 276 10.30 14.09 7.20
C GLN B 276 10.63 12.63 7.41
N PHE B 277 11.66 12.37 8.21
CA PHE B 277 12.14 11.01 8.47
C PHE B 277 11.89 10.65 9.91
N HIS B 278 11.26 9.50 10.14
CA HIS B 278 10.97 9.01 11.49
C HIS B 278 11.50 7.58 11.61
N GLY B 279 11.90 7.20 12.82
CA GLY B 279 12.35 5.85 13.10
C GLY B 279 11.36 5.12 13.99
N LEU B 280 10.83 4.02 13.47
CA LEU B 280 9.85 3.21 14.20
C LEU B 280 10.58 2.06 14.88
N TYR B 281 10.74 2.16 16.19
CA TYR B 281 11.50 1.18 16.95
C TYR B 281 10.67 0.67 18.11
N GLY B 282 11.07 -0.49 18.63
CA GLY B 282 10.41 -1.09 19.77
C GLY B 282 11.43 -1.58 20.79
N GLU B 283 10.93 -2.38 21.73
CA GLU B 283 11.79 -2.96 22.75
C GLU B 283 12.81 -3.90 22.11
N LYS B 284 14.09 -3.68 22.42
CA LYS B 284 15.14 -4.49 21.82
C LYS B 284 15.16 -5.90 22.38
N ASN B 285 14.62 -6.09 23.60
CA ASN B 285 14.65 -7.40 24.23
C ASN B 285 13.67 -8.37 23.56
N LEU B 286 12.51 -7.88 23.16
CA LEU B 286 11.46 -8.70 22.56
C LEU B 286 11.28 -8.31 21.11
N SER B 287 11.52 -9.27 20.20
CA SER B 287 11.36 -9.07 18.77
C SER B 287 12.18 -7.88 18.25
N PRO B 288 13.50 -7.98 18.25
CA PRO B 288 14.31 -6.85 17.78
C PRO B 288 14.44 -6.84 16.26
N GLY B 289 14.25 -5.68 15.66
CA GLY B 289 14.48 -5.49 14.25
C GLY B 289 13.40 -6.11 13.37
N PHE B 290 13.65 -6.01 12.06
CA PHE B 290 12.75 -6.53 11.05
C PHE B 290 13.48 -7.57 10.22
N ASN B 291 12.88 -8.76 10.08
CA ASN B 291 13.49 -9.86 9.37
C ASN B 291 12.44 -10.63 8.60
N PHE B 292 12.85 -11.25 7.49
CA PHE B 292 11.95 -12.06 6.69
C PHE B 292 12.73 -13.09 5.90
N ARG B 293 12.11 -14.24 5.66
CA ARG B 293 12.73 -15.35 4.96
C ARG B 293 12.10 -15.49 3.57
N PHE B 294 12.95 -15.57 2.54
CA PHE B 294 12.48 -15.78 1.19
C PHE B 294 13.38 -16.79 0.49
N ALA B 295 12.81 -17.51 -0.47
CA ALA B 295 13.50 -18.60 -1.14
C ALA B 295 13.56 -18.36 -2.64
N ARG B 296 14.69 -18.74 -3.24
CA ARG B 296 14.87 -18.72 -4.69
C ARG B 296 14.94 -20.16 -5.17
N HIS B 297 13.97 -20.55 -6.00
CA HIS B 297 13.86 -21.91 -6.49
C HIS B 297 14.56 -22.06 -7.83
N PHE B 298 15.21 -23.20 -8.04
CA PHE B 298 15.92 -23.49 -9.28
C PHE B 298 15.92 -25.00 -9.51
N VAL B 299 16.38 -25.38 -10.70
CA VAL B 299 16.50 -26.78 -11.08
C VAL B 299 17.94 -27.04 -11.49
N GLN B 300 18.63 -27.90 -10.75
CA GLN B 300 20.02 -28.26 -11.02
C GLN B 300 20.16 -29.76 -11.08
N ASN B 301 20.81 -30.26 -12.13
CA ASN B 301 21.04 -31.69 -12.33
C ASN B 301 19.74 -32.48 -12.28
N GLY B 302 18.67 -31.90 -12.84
CA GLY B 302 17.38 -32.54 -12.85
C GLY B 302 16.69 -32.60 -11.50
N THR B 303 17.18 -31.88 -10.50
CA THR B 303 16.60 -31.86 -9.17
C THR B 303 16.18 -30.45 -8.81
N ASN B 304 14.96 -30.29 -8.32
CA ASN B 304 14.47 -28.98 -7.91
C ASN B 304 14.95 -28.65 -6.51
N ARG B 305 15.75 -27.59 -6.39
CA ARG B 305 16.27 -27.15 -5.11
C ARG B 305 15.97 -25.67 -4.93
N ARG B 306 16.40 -25.12 -3.79
CA ARG B 306 16.19 -23.72 -3.49
C ARG B 306 17.27 -23.20 -2.55
N HIS B 307 17.52 -21.90 -2.64
CA HIS B 307 18.39 -21.17 -1.72
C HIS B 307 17.49 -20.34 -0.82
N LEU B 308 17.61 -20.52 0.49
CA LEU B 308 16.77 -19.83 1.46
C LEU B 308 17.58 -18.74 2.16
N PHE B 309 17.10 -17.50 2.08
CA PHE B 309 17.77 -16.36 2.68
C PHE B 309 16.86 -15.76 3.75
N LYS B 310 17.38 -15.67 4.97
CA LYS B 310 16.74 -14.89 6.03
C LYS B 310 17.43 -13.54 6.08
N VAL B 311 16.70 -12.49 5.70
CA VAL B 311 17.26 -11.16 5.52
C VAL B 311 16.76 -10.26 6.66
N PHE B 312 17.71 -9.59 7.31
CA PHE B 312 17.43 -8.48 8.22
C PHE B 312 17.73 -7.19 7.48
N GLY B 313 16.70 -6.41 7.19
CA GLY B 313 16.87 -5.20 6.41
C GLY B 313 16.00 -4.08 6.94
N ILE B 314 16.45 -2.85 6.67
CA ILE B 314 15.69 -1.67 7.08
C ILE B 314 14.50 -1.51 6.17
N ARG B 315 13.31 -1.40 6.77
CA ARG B 315 12.06 -1.26 6.03
C ARG B 315 11.73 0.23 5.87
N PHE B 316 11.61 0.67 4.62
CA PHE B 316 11.30 2.06 4.32
C PHE B 316 9.86 2.15 3.82
N ASP B 317 9.02 2.87 4.56
CA ASP B 317 7.64 3.05 4.15
C ASP B 317 7.43 4.51 3.83
N ILE B 318 6.97 4.81 2.62
CA ILE B 318 6.82 6.20 2.21
C ILE B 318 5.35 6.58 2.15
N LEU B 319 4.98 7.61 2.89
CA LEU B 319 3.59 8.06 2.91
C LEU B 319 3.52 9.51 2.45
N VAL B 320 2.64 9.80 1.51
CA VAL B 320 2.51 11.16 1.01
C VAL B 320 1.15 11.73 1.37
N ASP B 321 1.15 12.91 1.98
CA ASP B 321 -0.10 13.56 2.33
C ASP B 321 0.05 15.04 2.02
N GLY B 322 -0.96 15.63 1.41
CA GLY B 322 -0.86 17.02 1.01
C GLY B 322 -2.22 17.66 0.84
N LYS B 323 -2.21 19.00 0.79
CA LYS B 323 -3.42 19.78 0.63
C LYS B 323 -3.11 21.03 -0.17
N ALA B 324 -3.99 21.36 -1.11
CA ALA B 324 -3.83 22.54 -1.96
C ALA B 324 -5.03 23.46 -1.76
N GLY B 325 -4.76 24.76 -1.70
CA GLY B 325 -5.81 25.74 -1.51
C GLY B 325 -5.90 26.77 -2.61
N LYS B 326 -7.12 27.03 -3.08
CA LYS B 326 -7.35 27.98 -4.16
C LYS B 326 -8.48 28.92 -3.79
N PHE B 327 -8.36 30.18 -4.23
CA PHE B 327 -9.36 31.19 -3.90
C PHE B 327 -10.72 30.82 -4.50
N ASP B 328 -11.76 30.98 -3.70
CA ASP B 328 -13.13 30.71 -4.12
C ASP B 328 -14.07 31.71 -3.46
N ILE B 329 -15.19 31.99 -4.13
CA ILE B 329 -16.08 33.05 -3.67
C ILE B 329 -17.07 32.52 -2.63
N ILE B 330 -17.46 31.25 -2.75
CA ILE B 330 -18.45 30.69 -1.81
C ILE B 330 -17.89 30.58 -0.40
N PRO B 331 -16.71 29.99 -0.15
CA PRO B 331 -16.18 30.03 1.22
C PRO B 331 -15.89 31.44 1.70
N THR B 332 -15.53 32.34 0.79
CA THR B 332 -15.33 33.74 1.17
C THR B 332 -16.62 34.35 1.72
N MET B 333 -17.73 34.16 1.01
CA MET B 333 -19.01 34.69 1.48
C MET B 333 -19.45 33.99 2.76
N THR B 334 -19.17 32.69 2.90
CA THR B 334 -19.50 31.98 4.13
C THR B 334 -18.75 32.56 5.32
N THR B 335 -17.44 32.81 5.16
CA THR B 335 -16.65 33.38 6.24
C THR B 335 -17.09 34.81 6.52
N ILE B 336 -17.48 35.56 5.48
CA ILE B 336 -17.98 36.92 5.70
C ILE B 336 -19.27 36.89 6.52
N GLY B 337 -20.17 35.96 6.21
CA GLY B 337 -21.39 35.85 7.00
C GLY B 337 -21.12 35.43 8.43
N SER B 338 -20.16 34.54 8.59
CA SER B 338 -19.78 34.12 9.93
C SER B 338 -19.34 35.38 10.56
N GLY B 339 -18.76 36.24 9.76
CA GLY B 339 -18.28 37.49 10.27
C GLY B 339 -19.43 38.31 10.79
N ILE B 340 -20.40 38.58 9.93
CA ILE B 340 -21.55 39.38 10.34
C ILE B 340 -22.11 38.78 11.61
N GLY B 341 -22.14 37.46 11.68
CA GLY B 341 -22.65 36.79 12.85
C GLY B 341 -21.92 37.11 14.13
N ILE B 342 -20.59 37.07 14.10
CA ILE B 342 -19.88 37.30 15.32
C ILE B 342 -20.01 38.76 15.68
N PHE B 343 -20.22 39.61 14.69
CA PHE B 343 -20.44 41.01 15.00
C PHE B 343 -21.79 41.19 15.68
N GLY B 344 -22.72 40.29 15.41
CA GLY B 344 -24.01 40.36 16.04
C GLY B 344 -23.86 40.07 17.50
N VAL B 345 -23.03 39.08 17.82
CA VAL B 345 -22.82 38.70 19.21
C VAL B 345 -22.36 39.92 19.98
N ALA B 346 -21.32 40.58 19.47
CA ALA B 346 -20.78 41.74 20.16
C ALA B 346 -21.78 42.87 20.28
N THR B 347 -22.47 43.20 19.20
CA THR B 347 -23.40 44.33 19.24
C THR B 347 -24.57 44.11 20.18
N VAL B 348 -25.12 42.91 20.18
CA VAL B 348 -26.28 42.62 21.01
C VAL B 348 -25.98 42.86 22.48
N LEU B 349 -24.71 42.73 22.87
CA LEU B 349 -24.36 42.87 24.29
C LEU B 349 -24.75 44.16 25.04
N CYS B 350 -24.62 45.31 24.37
CA CYS B 350 -24.92 46.59 25.01
C CYS B 350 -26.26 46.62 25.72
N ASP B 351 -27.29 46.05 25.11
CA ASP B 351 -28.62 46.04 25.71
C ASP B 351 -29.05 47.45 26.12
N LEU B 352 -28.99 48.40 25.19
CA LEU B 352 -29.31 49.80 25.49
C LEU B 352 -28.39 50.33 26.57
N LEU B 353 -27.10 49.97 26.49
CA LEU B 353 -26.09 50.43 27.46
C LEU B 353 -26.36 49.93 28.86
N LEU B 354 -27.05 48.80 28.99
CA LEU B 354 -27.35 48.22 30.30
C LEU B 354 -27.81 49.24 31.34
N LEU B 355 -28.42 50.34 30.89
CA LEU B 355 -28.85 51.39 31.81
C LEU B 355 -29.94 52.25 31.19
N ASN C 27 -40.52 37.73 40.88
CA ASN C 27 -40.60 36.63 39.94
C ASN C 27 -39.77 35.44 40.40
N LYS C 28 -40.38 34.28 40.52
CA LYS C 28 -39.66 33.09 40.96
C LYS C 28 -40.26 31.92 40.20
N LYS C 29 -41.49 32.06 39.75
CA LYS C 29 -42.18 30.96 39.09
C LYS C 29 -41.39 30.49 37.89
N VAL C 30 -40.84 31.41 37.12
CA VAL C 30 -40.04 31.04 35.96
C VAL C 30 -38.59 31.43 36.16
N GLY C 31 -38.29 32.09 37.27
CA GLY C 31 -36.90 32.45 37.55
C GLY C 31 -36.05 31.24 37.89
N VAL C 32 -36.60 30.34 38.71
CA VAL C 32 -35.89 29.10 39.00
C VAL C 32 -35.74 28.26 37.74
N ILE C 33 -36.71 28.34 36.82
CA ILE C 33 -36.58 27.67 35.54
C ILE C 33 -35.47 28.28 34.70
N PHE C 34 -35.32 29.61 34.75
CA PHE C 34 -34.21 30.26 34.05
C PHE C 34 -32.87 29.85 34.62
N ARG C 35 -32.77 29.79 35.96
CA ARG C 35 -31.52 29.31 36.57
C ARG C 35 -31.26 27.84 36.23
N LEU C 36 -32.32 27.04 36.13
CA LEU C 36 -32.13 25.64 35.75
C LEU C 36 -31.66 25.51 34.32
N ILE C 37 -32.18 26.35 33.42
CA ILE C 37 -31.71 26.34 32.03
C ILE C 37 -30.24 26.75 31.97
N GLN C 38 -29.87 27.78 32.74
CA GLN C 38 -28.47 28.18 32.80
C GLN C 38 -27.59 27.06 33.35
N LEU C 39 -28.09 26.34 34.36
CA LEU C 39 -27.32 25.24 34.94
C LEU C 39 -27.16 24.11 33.93
N VAL C 40 -28.20 23.84 33.14
CA VAL C 40 -28.11 22.81 32.10
C VAL C 40 -27.09 23.23 31.04
N VAL C 41 -27.09 24.51 30.67
CA VAL C 41 -26.11 25.00 29.71
C VAL C 41 -24.70 24.84 30.25
N LEU C 42 -24.51 25.18 31.54
CA LEU C 42 -23.19 25.05 32.15
C LEU C 42 -22.76 23.59 32.23
N VAL C 43 -23.69 22.69 32.50
CA VAL C 43 -23.38 21.26 32.54
C VAL C 43 -22.96 20.77 31.15
N TYR C 44 -23.69 21.23 30.12
CA TYR C 44 -23.32 20.89 28.75
C TYR C 44 -21.91 21.41 28.42
N VAL C 45 -21.60 22.63 28.87
CA VAL C 45 -20.29 23.24 28.61
C VAL C 45 -19.19 22.44 29.28
N ILE C 46 -19.26 22.30 30.61
CA ILE C 46 -18.21 21.61 31.35
C ILE C 46 -18.32 20.09 31.21
N GLY C 47 -19.39 19.60 30.58
CA GLY C 47 -19.59 18.17 30.43
C GLY C 47 -19.29 17.64 29.04
N TRP C 48 -20.36 17.48 28.24
CA TRP C 48 -20.24 16.87 26.92
C TRP C 48 -19.23 17.59 26.02
N VAL C 49 -18.86 18.81 26.37
CA VAL C 49 -17.92 19.58 25.55
C VAL C 49 -16.55 19.60 26.21
N PHE C 50 -16.50 19.36 27.52
CA PHE C 50 -15.24 19.44 28.24
C PHE C 50 -14.76 18.07 28.70
N VAL C 51 -15.63 17.33 29.39
CA VAL C 51 -15.25 16.00 29.87
C VAL C 51 -15.26 15.01 28.71
N TYR C 52 -16.42 14.81 28.09
CA TYR C 52 -16.51 13.99 26.89
C TYR C 52 -16.24 14.87 25.68
N GLU C 53 -15.92 14.24 24.55
CA GLU C 53 -15.47 14.96 23.36
C GLU C 53 -14.33 15.90 23.72
N LYS C 54 -13.21 15.30 24.12
CA LYS C 54 -12.08 15.98 24.76
C LYS C 54 -11.70 17.29 24.05
N GLY C 55 -11.76 18.40 24.78
CA GLY C 55 -11.35 19.69 24.27
C GLY C 55 -10.11 20.20 24.97
N TYR C 56 -9.81 19.64 26.14
CA TYR C 56 -8.60 19.99 26.89
C TYR C 56 -7.38 19.23 26.39
N GLN C 57 -7.47 18.59 25.23
CA GLN C 57 -6.36 17.86 24.64
C GLN C 57 -6.29 18.16 23.15
N THR C 58 -5.08 18.26 22.64
CA THR C 58 -4.84 18.29 21.20
C THR C 58 -4.58 16.88 20.72
N SER C 59 -5.10 16.58 19.53
CA SER C 59 -5.11 15.24 18.97
C SER C 59 -4.23 15.18 17.73
N SER C 60 -3.48 14.10 17.59
CA SER C 60 -2.58 13.90 16.47
C SER C 60 -2.72 12.48 15.93
N GLY C 61 -2.52 12.33 14.62
CA GLY C 61 -2.55 11.01 14.02
C GLY C 61 -1.18 10.35 14.04
N LEU C 62 -1.17 9.05 13.74
CA LEU C 62 0.07 8.29 13.81
C LEU C 62 0.58 7.96 12.41
N ILE C 63 1.87 7.62 12.36
CA ILE C 63 2.50 6.99 11.20
C ILE C 63 2.86 5.57 11.62
N SER C 64 2.36 4.58 10.90
CA SER C 64 2.45 3.19 11.31
C SER C 64 3.03 2.33 10.20
N SER C 65 3.77 1.29 10.61
CA SER C 65 4.30 0.29 9.69
C SER C 65 4.06 -1.09 10.28
N VAL C 66 3.59 -2.02 9.44
CA VAL C 66 3.23 -3.36 9.88
C VAL C 66 4.10 -4.37 9.17
N SER C 67 4.55 -5.38 9.90
CA SER C 67 5.32 -6.49 9.36
C SER C 67 4.61 -7.78 9.72
N VAL C 68 4.37 -8.63 8.73
CA VAL C 68 3.63 -9.88 8.90
C VAL C 68 4.59 -11.04 8.68
N LYS C 69 4.54 -12.01 9.59
CA LYS C 69 5.36 -13.22 9.50
C LYS C 69 4.48 -14.44 9.67
N LEU C 70 4.52 -15.34 8.70
CA LEU C 70 3.72 -16.57 8.72
C LEU C 70 4.59 -17.75 9.09
N LYS C 71 4.16 -18.50 10.10
CA LYS C 71 4.84 -19.73 10.51
C LYS C 71 3.89 -20.90 10.26
N GLY C 72 4.29 -21.80 9.38
CA GLY C 72 3.50 -22.97 9.06
C GLY C 72 4.10 -23.72 7.90
N LEU C 73 3.75 -25.00 7.80
CA LEU C 73 4.24 -25.88 6.76
C LEU C 73 3.10 -26.77 6.28
N ALA C 74 3.03 -26.98 4.97
CA ALA C 74 1.97 -27.78 4.36
C ALA C 74 2.57 -28.83 3.44
N VAL C 75 2.12 -30.07 3.58
CA VAL C 75 2.57 -31.16 2.72
C VAL C 75 1.40 -31.54 1.82
N THR C 76 1.61 -31.40 0.51
CA THR C 76 0.57 -31.66 -0.48
C THR C 76 1.00 -32.81 -1.38
N GLN C 77 0.12 -33.80 -1.53
CA GLN C 77 0.36 -34.95 -2.40
C GLN C 77 -0.36 -34.72 -3.72
N LEU C 78 0.41 -34.55 -4.80
CA LEU C 78 -0.12 -34.32 -6.13
C LEU C 78 0.35 -35.42 -7.06
N GLN C 79 -0.59 -36.00 -7.81
CA GLN C 79 -0.25 -37.08 -8.74
C GLN C 79 0.64 -36.56 -9.85
N GLY C 80 1.70 -37.31 -10.15
CA GLY C 80 2.66 -36.91 -11.16
C GLY C 80 3.73 -35.96 -10.70
N LEU C 81 3.56 -35.33 -9.53
CA LEU C 81 4.55 -34.41 -8.99
C LEU C 81 5.12 -34.84 -7.65
N GLY C 82 4.45 -35.73 -6.92
CA GLY C 82 4.95 -36.21 -5.66
C GLY C 82 4.66 -35.25 -4.52
N PRO C 83 5.23 -35.54 -3.34
CA PRO C 83 5.01 -34.67 -2.19
C PRO C 83 5.66 -33.30 -2.40
N GLN C 84 4.93 -32.25 -2.05
CA GLN C 84 5.40 -30.88 -2.16
C GLN C 84 5.29 -30.21 -0.80
N VAL C 85 6.36 -29.54 -0.37
CA VAL C 85 6.43 -28.89 0.93
C VAL C 85 6.32 -27.38 0.72
N TRP C 86 5.37 -26.77 1.40
CA TRP C 86 5.17 -25.32 1.36
C TRP C 86 5.52 -24.73 2.72
N ASP C 87 6.45 -23.79 2.72
CA ASP C 87 6.96 -23.15 3.93
C ASP C 87 6.65 -21.65 3.86
N VAL C 88 7.19 -20.91 4.84
CA VAL C 88 6.91 -19.48 4.94
C VAL C 88 7.23 -18.76 3.64
N ALA C 89 8.38 -19.09 3.02
CA ALA C 89 8.75 -18.43 1.77
C ALA C 89 7.85 -18.89 0.62
N ASP C 90 7.18 -20.02 0.78
CA ASP C 90 6.42 -20.60 -0.33
C ASP C 90 5.04 -19.98 -0.46
N TYR C 91 4.20 -20.13 0.56
CA TYR C 91 2.81 -19.67 0.45
C TYR C 91 2.65 -18.17 0.65
N VAL C 92 3.69 -17.48 1.13
CA VAL C 92 3.68 -16.02 1.22
C VAL C 92 4.28 -15.47 -0.06
N PHE C 93 3.43 -14.98 -0.95
CA PHE C 93 3.86 -14.51 -2.27
C PHE C 93 4.61 -13.19 -2.19
N PRO C 94 4.19 -12.21 -1.37
CA PRO C 94 5.07 -11.06 -1.15
C PRO C 94 6.43 -11.44 -0.60
N ALA C 95 6.46 -12.30 0.42
CA ALA C 95 7.69 -12.91 0.94
C ALA C 95 8.59 -11.89 1.62
N HIS C 96 8.20 -10.61 1.62
CA HIS C 96 9.02 -9.59 2.26
C HIS C 96 8.30 -9.03 3.50
N GLY C 97 6.97 -8.92 3.44
CA GLY C 97 6.21 -8.35 4.53
C GLY C 97 5.52 -7.07 4.13
N ASP C 98 4.20 -7.11 4.04
CA ASP C 98 3.42 -5.94 3.62
C ASP C 98 2.04 -6.03 4.25
N SER C 99 1.33 -4.89 4.22
CA SER C 99 -0.02 -4.86 4.78
C SER C 99 -0.96 -5.77 4.01
N SER C 100 -0.83 -5.81 2.69
CA SER C 100 -1.64 -6.67 1.84
C SER C 100 -0.81 -7.88 1.40
N PHE C 101 -1.17 -9.05 1.91
CA PHE C 101 -0.47 -10.29 1.57
C PHE C 101 -1.49 -11.40 1.42
N VAL C 102 -1.14 -12.40 0.61
CA VAL C 102 -2.01 -13.54 0.32
C VAL C 102 -1.30 -14.81 0.76
N VAL C 103 -2.01 -15.67 1.47
CA VAL C 103 -1.51 -16.96 1.91
C VAL C 103 -2.14 -18.03 1.03
N MET C 104 -1.30 -18.89 0.46
CA MET C 104 -1.80 -19.93 -0.45
C MET C 104 -2.69 -20.91 0.30
N THR C 105 -3.86 -21.17 -0.28
CA THR C 105 -4.79 -22.17 0.25
C THR C 105 -5.07 -23.30 -0.72
N ASN C 106 -5.14 -23.02 -2.01
CA ASN C 106 -5.27 -24.07 -3.02
C ASN C 106 -4.52 -23.62 -4.27
N PHE C 107 -4.03 -24.59 -5.03
CA PHE C 107 -3.25 -24.25 -6.21
C PHE C 107 -3.48 -25.29 -7.30
N ILE C 108 -3.48 -24.82 -8.54
CA ILE C 108 -3.49 -25.67 -9.73
C ILE C 108 -2.16 -25.46 -10.45
N MET C 109 -1.43 -26.54 -10.65
CA MET C 109 -0.05 -26.48 -11.13
C MET C 109 0.05 -27.05 -12.54
N THR C 110 0.66 -26.28 -13.44
CA THR C 110 1.03 -26.75 -14.77
C THR C 110 2.54 -26.76 -14.86
N PRO C 111 3.19 -27.92 -14.89
CA PRO C 111 4.66 -27.97 -14.88
C PRO C 111 5.27 -28.02 -16.27
N GLN C 112 6.53 -27.58 -16.38
CA GLN C 112 7.34 -27.75 -17.58
C GLN C 112 6.72 -27.06 -18.80
N GLN C 113 6.34 -25.80 -18.63
CA GLN C 113 5.81 -25.02 -19.75
C GLN C 113 6.95 -24.53 -20.64
N ALA C 114 6.86 -24.83 -21.93
CA ALA C 114 7.87 -24.44 -22.90
C ALA C 114 7.23 -23.76 -24.08
N GLN C 115 7.97 -22.84 -24.70
CA GLN C 115 7.44 -22.07 -25.82
C GLN C 115 7.45 -22.88 -27.11
N GLY C 116 6.29 -23.41 -27.49
CA GLY C 116 6.15 -24.13 -28.74
C GLY C 116 4.69 -24.16 -29.16
N HIS C 117 4.48 -24.39 -30.45
CA HIS C 117 3.12 -24.44 -30.98
C HIS C 117 2.35 -25.58 -30.35
N CYS C 118 1.11 -25.29 -29.93
CA CYS C 118 0.31 -26.28 -29.21
C CYS C 118 -1.17 -25.94 -29.37
N ALA C 119 -2.01 -26.92 -29.09
CA ALA C 119 -3.45 -26.70 -29.11
C ALA C 119 -3.87 -25.84 -27.93
N GLU C 120 -4.78 -24.91 -28.18
CA GLU C 120 -5.22 -24.00 -27.15
C GLU C 120 -6.26 -24.65 -26.24
N ASN C 121 -6.72 -23.88 -25.26
CA ASN C 121 -7.71 -24.38 -24.33
C ASN C 121 -9.07 -24.47 -25.01
N PRO C 122 -9.88 -25.50 -24.71
CA PRO C 122 -11.21 -25.60 -25.34
C PRO C 122 -12.11 -24.42 -25.03
N GLU C 123 -11.90 -23.76 -23.88
CA GLU C 123 -12.75 -22.61 -23.53
C GLU C 123 -12.48 -21.44 -24.47
N GLY C 124 -11.28 -21.34 -25.02
CA GLY C 124 -10.97 -20.24 -25.92
C GLY C 124 -11.76 -20.31 -27.22
N GLY C 125 -11.67 -21.45 -27.91
CA GLY C 125 -12.37 -21.62 -29.16
C GLY C 125 -12.33 -23.06 -29.62
N ILE C 126 -13.33 -23.45 -30.39
CA ILE C 126 -13.46 -24.81 -30.91
C ILE C 126 -13.66 -24.74 -32.42
N CYS C 127 -12.82 -25.46 -33.16
CA CYS C 127 -12.88 -25.52 -34.61
C CYS C 127 -12.88 -26.96 -35.06
N GLN C 128 -13.85 -27.33 -35.90
CA GLN C 128 -13.89 -28.69 -36.44
C GLN C 128 -12.84 -28.86 -37.55
N ASP C 129 -12.53 -27.78 -38.26
CA ASP C 129 -11.55 -27.82 -39.34
C ASP C 129 -10.52 -26.73 -39.13
N ASP C 130 -9.40 -26.85 -39.86
CA ASP C 130 -8.33 -25.87 -39.72
C ASP C 130 -8.70 -24.55 -40.37
N SER C 131 -9.57 -24.58 -41.39
CA SER C 131 -9.95 -23.36 -42.08
C SER C 131 -10.80 -22.43 -41.21
N GLY C 132 -11.41 -22.98 -40.16
CA GLY C 132 -12.25 -22.15 -39.29
C GLY C 132 -11.47 -21.08 -38.55
N CYS C 133 -10.30 -21.45 -38.03
CA CYS C 133 -9.48 -20.50 -37.29
C CYS C 133 -8.73 -19.58 -38.24
N THR C 134 -8.49 -18.34 -37.80
CA THR C 134 -7.80 -17.34 -38.58
C THR C 134 -6.50 -16.95 -37.91
N PRO C 135 -5.42 -16.74 -38.65
CA PRO C 135 -4.16 -16.32 -38.02
C PRO C 135 -4.29 -14.94 -37.39
N GLY C 136 -3.66 -14.79 -36.23
CA GLY C 136 -3.69 -13.55 -35.50
C GLY C 136 -3.75 -13.81 -34.01
N LYS C 137 -4.25 -12.84 -33.27
CA LYS C 137 -4.38 -12.93 -31.81
C LYS C 137 -5.83 -12.66 -31.43
N ALA C 138 -6.32 -13.40 -30.44
CA ALA C 138 -7.69 -13.22 -29.99
C ALA C 138 -7.85 -11.88 -29.29
N GLU C 139 -9.00 -11.24 -29.52
CA GLU C 139 -9.26 -9.94 -28.89
C GLU C 139 -9.61 -10.09 -27.43
N ARG C 140 -10.41 -11.10 -27.08
CA ARG C 140 -10.85 -11.35 -25.72
C ARG C 140 -10.18 -12.62 -25.20
N LYS C 141 -9.52 -12.51 -24.04
CA LYS C 141 -8.87 -13.65 -23.40
C LYS C 141 -7.85 -14.31 -24.33
N ALA C 142 -6.90 -13.52 -24.80
CA ALA C 142 -5.89 -14.02 -25.73
C ALA C 142 -4.98 -15.03 -25.05
N GLN C 143 -4.95 -16.25 -25.58
CA GLN C 143 -4.08 -17.30 -25.09
C GLN C 143 -2.82 -17.47 -25.93
N GLY C 144 -2.76 -16.83 -27.09
CA GLY C 144 -1.60 -16.95 -27.95
C GLY C 144 -1.91 -16.45 -29.33
N ILE C 145 -0.91 -16.53 -30.20
CA ILE C 145 -1.03 -16.12 -31.59
C ILE C 145 -1.46 -17.33 -32.42
N ARG C 146 -2.63 -17.25 -33.03
CA ARG C 146 -3.13 -18.38 -33.81
C ARG C 146 -2.31 -18.55 -35.08
N THR C 147 -1.92 -19.80 -35.35
CA THR C 147 -1.13 -20.13 -36.52
C THR C 147 -1.97 -20.43 -37.75
N GLY C 148 -3.29 -20.38 -37.61
CA GLY C 148 -4.18 -20.61 -38.75
C GLY C 148 -4.46 -22.08 -38.96
N ASN C 149 -4.05 -22.90 -38.02
CA ASN C 149 -4.25 -24.34 -38.14
C ASN C 149 -4.97 -24.83 -36.90
N CYS C 150 -5.68 -25.94 -37.02
CA CYS C 150 -6.38 -26.50 -35.87
C CYS C 150 -5.80 -27.85 -35.48
N VAL C 151 -5.45 -27.99 -34.21
CA VAL C 151 -4.84 -29.24 -33.73
C VAL C 151 -5.72 -29.85 -32.65
N PRO C 152 -6.02 -31.15 -32.76
CA PRO C 152 -6.94 -31.70 -31.76
C PRO C 152 -6.39 -31.60 -30.36
N PHE C 153 -7.22 -31.17 -29.42
CA PHE C 153 -6.80 -31.07 -28.03
C PHE C 153 -6.86 -32.47 -27.49
N ASN C 154 -7.77 -33.27 -28.01
CA ASN C 154 -7.96 -34.65 -27.56
C ASN C 154 -8.81 -35.36 -28.60
N GLY C 155 -9.26 -36.57 -28.26
CA GLY C 155 -10.09 -37.33 -29.18
C GLY C 155 -11.45 -36.71 -29.41
N THR C 156 -11.93 -35.91 -28.44
CA THR C 156 -13.28 -35.36 -28.54
C THR C 156 -13.31 -34.10 -29.39
N VAL C 157 -12.59 -33.06 -28.98
CA VAL C 157 -12.69 -31.73 -29.58
C VAL C 157 -11.34 -31.31 -30.12
N LYS C 158 -11.35 -30.39 -31.08
CA LYS C 158 -10.15 -29.81 -31.68
C LYS C 158 -10.11 -28.32 -31.38
N THR C 159 -8.93 -27.80 -31.08
CA THR C 159 -8.75 -26.39 -30.77
C THR C 159 -7.68 -25.80 -31.68
N CYS C 160 -7.77 -24.49 -31.89
CA CYS C 160 -6.85 -23.82 -32.80
C CYS C 160 -5.43 -23.82 -32.26
N GLU C 161 -4.48 -24.06 -33.15
CA GLU C 161 -3.07 -24.11 -32.75
C GLU C 161 -2.52 -22.70 -32.55
N ILE C 162 -1.86 -22.48 -31.42
CA ILE C 162 -1.31 -21.19 -31.07
C ILE C 162 0.13 -21.37 -30.59
N PHE C 163 0.92 -20.31 -30.71
CA PHE C 163 2.31 -20.31 -30.25
C PHE C 163 2.35 -19.75 -28.83
N GLY C 164 2.85 -20.55 -27.89
CA GLY C 164 2.93 -20.14 -26.52
C GLY C 164 3.41 -21.29 -25.65
N TRP C 165 3.07 -21.21 -24.37
CA TRP C 165 3.42 -22.27 -23.44
C TRP C 165 2.70 -23.56 -23.84
N CYS C 166 3.46 -24.61 -24.12
CA CYS C 166 2.89 -25.82 -24.69
C CYS C 166 1.85 -26.49 -23.79
N PRO C 167 2.11 -26.75 -22.50
CA PRO C 167 1.03 -27.29 -21.65
C PRO C 167 0.06 -26.20 -21.24
N VAL C 168 -1.15 -26.23 -21.80
CA VAL C 168 -2.16 -25.23 -21.47
C VAL C 168 -2.76 -25.55 -20.11
N GLU C 169 -2.92 -24.51 -19.29
CA GLU C 169 -3.46 -24.70 -17.95
C GLU C 169 -4.97 -24.94 -18.02
N VAL C 170 -5.43 -26.00 -17.35
CA VAL C 170 -6.84 -26.35 -17.31
C VAL C 170 -7.36 -26.06 -15.91
N ASP C 171 -8.17 -25.01 -15.80
CA ASP C 171 -8.73 -24.60 -14.52
C ASP C 171 -10.18 -25.05 -14.33
N ASP C 172 -10.64 -25.99 -15.16
CA ASP C 172 -12.02 -26.48 -15.02
C ASP C 172 -12.18 -27.32 -13.76
N LYS C 173 -11.15 -28.07 -13.39
CA LYS C 173 -11.18 -28.94 -12.23
C LYS C 173 -10.50 -28.25 -11.05
N ILE C 174 -11.25 -28.00 -9.99
CA ILE C 174 -10.73 -27.45 -8.75
C ILE C 174 -10.92 -28.49 -7.66
N PRO C 175 -9.87 -28.87 -6.93
CA PRO C 175 -10.03 -29.90 -5.90
C PRO C 175 -10.96 -29.43 -4.79
N SER C 176 -11.98 -30.24 -4.50
CA SER C 176 -12.90 -29.91 -3.43
C SER C 176 -12.23 -29.88 -2.06
N PRO C 177 -11.37 -30.86 -1.68
CA PRO C 177 -10.57 -30.68 -0.46
C PRO C 177 -9.40 -29.75 -0.70
N ALA C 178 -9.26 -28.71 0.13
CA ALA C 178 -8.17 -27.76 -0.04
C ALA C 178 -6.82 -28.46 0.12
N LEU C 179 -5.93 -28.22 -0.85
CA LEU C 179 -4.61 -28.83 -0.78
C LEU C 179 -3.83 -28.33 0.42
N LEU C 180 -3.81 -27.01 0.64
CA LEU C 180 -3.22 -26.43 1.85
C LEU C 180 -4.33 -26.17 2.87
N HIS C 181 -4.94 -27.26 3.30
CA HIS C 181 -6.01 -27.21 4.29
C HIS C 181 -5.50 -27.05 5.71
N GLU C 182 -4.18 -27.11 5.88
CA GLU C 182 -3.58 -26.96 7.20
C GLU C 182 -3.39 -25.48 7.41
N ALA C 183 -3.95 -24.67 6.52
CA ALA C 183 -3.80 -23.22 6.60
C ALA C 183 -4.42 -22.62 7.85
N GLU C 184 -5.44 -23.26 8.40
CA GLU C 184 -6.12 -22.69 9.56
C GLU C 184 -5.14 -22.52 10.67
N ASN C 185 -4.25 -23.49 10.81
CA ASN C 185 -3.31 -23.45 11.92
C ASN C 185 -2.00 -22.76 11.64
N PHE C 186 -1.82 -22.23 10.45
CA PHE C 186 -0.62 -21.44 10.18
C PHE C 186 -0.75 -20.22 11.08
N THR C 187 0.34 -19.82 11.71
CA THR C 187 0.27 -18.69 12.65
C THR C 187 0.76 -17.41 11.99
N LEU C 188 0.23 -16.27 12.43
CA LEU C 188 0.59 -14.98 11.86
C LEU C 188 1.00 -14.02 12.96
N PHE C 189 2.24 -13.55 12.89
CA PHE C 189 2.76 -12.55 13.81
C PHE C 189 2.76 -11.19 13.12
N ILE C 190 2.02 -10.24 13.67
CA ILE C 190 1.91 -8.90 13.11
C ILE C 190 2.58 -7.92 14.07
N LYS C 191 3.72 -7.40 13.65
CA LYS C 191 4.46 -6.39 14.41
C LYS C 191 4.10 -5.02 13.84
N ASN C 192 3.37 -4.23 14.62
CA ASN C 192 2.89 -2.92 14.20
C ASN C 192 3.59 -1.84 15.03
N SER C 193 4.41 -1.03 14.36
CA SER C 193 5.13 0.05 15.01
C SER C 193 4.50 1.38 14.59
N ILE C 194 4.00 2.12 15.57
CA ILE C 194 3.33 3.40 15.33
C ILE C 194 4.15 4.49 15.99
N SER C 195 4.01 5.72 15.47
CA SER C 195 4.68 6.88 16.05
C SER C 195 3.82 8.12 15.84
N PHE C 196 3.58 8.85 16.93
CA PHE C 196 2.96 10.15 16.86
C PHE C 196 4.07 11.20 16.87
N PRO C 197 4.27 11.93 15.77
CA PRO C 197 5.42 12.85 15.72
C PRO C 197 5.20 14.15 16.48
N ARG C 198 3.96 14.66 16.51
CA ARG C 198 3.70 15.92 17.22
C ARG C 198 4.01 15.79 18.70
N PHE C 199 3.77 14.59 19.24
CA PHE C 199 4.01 14.35 20.67
C PHE C 199 5.24 13.47 20.90
N LYS C 200 5.90 13.05 19.82
CA LYS C 200 7.12 12.25 19.94
C LYS C 200 7.01 10.97 20.75
N VAL C 201 5.91 10.23 20.58
CA VAL C 201 5.76 8.96 21.27
C VAL C 201 5.72 7.78 20.31
N ASN C 202 6.57 6.79 20.55
CA ASN C 202 6.62 5.62 19.67
C ASN C 202 6.09 4.40 20.41
N ARG C 203 5.19 3.65 19.77
CA ARG C 203 4.61 2.49 20.41
C ARG C 203 4.64 1.31 19.47
N ARG C 204 4.46 0.12 20.04
CA ARG C 204 4.42 -1.12 19.29
C ARG C 204 3.30 -2.01 19.83
N ASN C 205 2.75 -2.85 18.95
CA ASN C 205 1.68 -3.75 19.36
C ASN C 205 2.12 -4.70 20.46
N LEU C 206 3.40 -5.02 20.54
CA LEU C 206 3.94 -5.85 21.62
C LEU C 206 3.99 -4.99 22.88
N VAL C 207 2.90 -5.02 23.65
CA VAL C 207 2.79 -4.18 24.84
C VAL C 207 3.67 -4.73 25.95
N GLU C 208 3.89 -3.93 26.99
CA GLU C 208 4.75 -4.34 28.09
C GLU C 208 4.20 -5.58 28.79
N GLU C 209 2.88 -5.77 28.75
CA GLU C 209 2.30 -6.97 29.35
C GLU C 209 2.77 -8.23 28.62
N VAL C 210 3.02 -8.11 27.32
CA VAL C 210 3.49 -9.25 26.53
C VAL C 210 4.98 -9.50 26.72
N ASN C 211 5.37 -10.74 26.99
CA ASN C 211 6.78 -11.07 27.20
C ASN C 211 7.20 -12.30 26.41
N GLY C 212 8.50 -12.50 26.26
CA GLY C 212 9.00 -13.68 25.56
C GLY C 212 8.31 -14.98 25.94
N THR C 213 8.21 -15.27 27.23
CA THR C 213 7.58 -16.51 27.68
C THR C 213 6.11 -16.56 27.25
N TYR C 214 5.44 -15.41 27.23
CA TYR C 214 4.08 -15.35 26.72
C TYR C 214 4.03 -15.69 25.23
N MET C 215 4.93 -15.10 24.45
CA MET C 215 4.92 -15.32 23.02
C MET C 215 5.23 -16.76 22.64
N LYS C 216 5.83 -17.51 23.55
CA LYS C 216 6.19 -18.88 23.24
C LYS C 216 4.97 -19.77 23.14
N LYS C 217 3.85 -19.35 23.74
CA LYS C 217 2.68 -20.21 23.77
C LYS C 217 1.33 -19.48 23.67
N CYS C 218 1.22 -18.48 22.82
CA CYS C 218 -0.01 -17.72 22.77
C CYS C 218 -0.75 -17.62 21.46
N LEU C 219 -2.06 -17.84 21.47
CA LEU C 219 -2.86 -17.63 20.26
C LEU C 219 -3.90 -16.60 20.63
N TYR C 220 -4.09 -15.59 19.79
CA TYR C 220 -5.01 -14.50 20.11
C TYR C 220 -6.46 -14.90 20.26
N HIS C 221 -7.12 -14.34 21.26
CA HIS C 221 -8.55 -14.57 21.42
C HIS C 221 -9.08 -13.21 21.78
N LYS C 222 -10.31 -12.88 21.41
CA LYS C 222 -10.79 -11.53 21.66
C LYS C 222 -10.82 -11.21 23.14
N ILE C 223 -11.31 -12.14 23.95
CA ILE C 223 -11.36 -11.92 25.39
C ILE C 223 -10.23 -12.57 26.18
N LEU C 224 -9.93 -13.83 25.90
CA LEU C 224 -8.90 -14.53 26.65
C LEU C 224 -7.49 -13.97 26.46
N HIS C 225 -7.12 -13.64 25.23
CA HIS C 225 -5.79 -13.09 24.97
C HIS C 225 -5.87 -11.87 24.05
N PRO C 226 -6.39 -10.75 24.55
CA PRO C 226 -6.59 -9.58 23.69
C PRO C 226 -5.30 -8.97 23.15
N LEU C 227 -4.25 -8.92 23.94
CA LEU C 227 -3.01 -8.26 23.52
C LEU C 227 -2.05 -9.13 22.73
N CYS C 228 -2.37 -10.40 22.56
CA CYS C 228 -1.47 -11.31 21.87
C CYS C 228 -1.24 -10.88 20.44
N PRO C 229 0.02 -10.92 19.99
CA PRO C 229 0.32 -10.56 18.60
C PRO C 229 0.32 -11.75 17.65
N VAL C 230 0.09 -12.96 18.17
CA VAL C 230 0.02 -14.14 17.31
C VAL C 230 -1.41 -14.55 17.02
N PHE C 231 -1.81 -14.54 15.76
CA PHE C 231 -3.18 -14.84 15.36
C PHE C 231 -3.21 -16.17 14.60
N SER C 232 -4.28 -16.93 14.82
CA SER C 232 -4.53 -18.10 13.99
C SER C 232 -5.39 -17.71 12.79
N LEU C 233 -4.95 -18.12 11.60
CA LEU C 233 -5.65 -17.75 10.38
C LEU C 233 -7.07 -18.29 10.39
N GLY C 234 -7.26 -19.52 10.88
CA GLY C 234 -8.62 -20.05 11.00
C GLY C 234 -9.48 -19.25 11.95
N TYR C 235 -8.92 -18.86 13.09
CA TYR C 235 -9.66 -18.04 14.05
C TYR C 235 -9.98 -16.68 13.45
N VAL C 236 -9.05 -16.10 12.69
CA VAL C 236 -9.28 -14.81 12.06
C VAL C 236 -10.41 -14.91 11.03
N VAL C 237 -10.41 -15.98 10.24
CA VAL C 237 -11.45 -16.16 9.23
C VAL C 237 -12.80 -16.39 9.90
N ARG C 238 -12.82 -17.12 11.02
CA ARG C 238 -14.06 -17.35 11.75
C ARG C 238 -14.59 -16.05 12.34
N GLU C 239 -13.70 -15.21 12.88
CA GLU C 239 -14.13 -13.94 13.45
C GLU C 239 -14.60 -12.98 12.37
N SER C 240 -14.03 -13.08 11.17
CA SER C 240 -14.46 -12.23 10.07
C SER C 240 -15.88 -12.54 9.61
N GLY C 241 -16.38 -13.74 9.91
CA GLY C 241 -17.72 -14.12 9.51
C GLY C 241 -17.80 -15.06 8.33
N GLN C 242 -16.70 -15.70 7.95
CA GLN C 242 -16.65 -16.58 6.80
C GLN C 242 -16.17 -17.97 7.22
N ASP C 243 -16.66 -19.00 6.54
CA ASP C 243 -16.18 -20.35 6.79
C ASP C 243 -14.81 -20.53 6.17
N PHE C 244 -13.91 -21.22 6.88
CA PHE C 244 -12.54 -21.36 6.41
C PHE C 244 -12.45 -22.32 5.24
N ARG C 245 -13.27 -23.38 5.24
CA ARG C 245 -13.20 -24.38 4.18
C ARG C 245 -13.67 -23.80 2.84
N SER C 246 -14.86 -23.21 2.82
CA SER C 246 -15.38 -22.64 1.57
C SER C 246 -14.49 -21.50 1.08
N LEU C 247 -13.88 -20.76 2.00
CA LEU C 247 -12.98 -19.69 1.60
C LEU C 247 -11.70 -20.25 0.98
N ALA C 248 -11.08 -21.24 1.65
CA ALA C 248 -9.84 -21.82 1.14
C ALA C 248 -10.07 -22.56 -0.17
N GLU C 249 -11.30 -23.01 -0.41
CA GLU C 249 -11.60 -23.72 -1.65
C GLU C 249 -11.44 -22.80 -2.86
N LYS C 250 -11.85 -21.54 -2.75
CA LYS C 250 -11.89 -20.64 -3.89
C LYS C 250 -11.24 -19.29 -3.62
N GLY C 251 -10.82 -19.00 -2.40
CA GLY C 251 -10.24 -17.72 -2.07
C GLY C 251 -11.19 -16.85 -1.26
N GLY C 252 -10.60 -15.86 -0.58
CA GLY C 252 -11.37 -14.96 0.25
C GLY C 252 -10.55 -13.75 0.62
N VAL C 253 -11.23 -12.77 1.23
CA VAL C 253 -10.62 -11.52 1.65
C VAL C 253 -10.99 -11.25 3.10
N VAL C 254 -9.99 -11.13 3.96
CA VAL C 254 -10.17 -10.80 5.37
C VAL C 254 -9.31 -9.58 5.69
N GLY C 255 -9.94 -8.54 6.22
CA GLY C 255 -9.26 -7.31 6.56
C GLY C 255 -9.12 -7.18 8.07
N ILE C 256 -7.88 -6.98 8.51
CA ILE C 256 -7.54 -6.83 9.92
C ILE C 256 -7.22 -5.36 10.17
N THR C 257 -8.00 -4.72 11.04
CA THR C 257 -7.83 -3.32 11.37
C THR C 257 -7.30 -3.20 12.79
N ILE C 258 -6.19 -2.48 12.94
CA ILE C 258 -5.57 -2.24 14.24
C ILE C 258 -5.81 -0.77 14.60
N ASP C 259 -6.59 -0.55 15.66
CA ASP C 259 -6.94 0.78 16.12
C ASP C 259 -6.17 1.10 17.38
N TRP C 260 -5.57 2.28 17.43
CA TRP C 260 -4.81 2.76 18.58
C TRP C 260 -5.50 3.98 19.17
N GLU C 261 -6.25 3.77 20.25
CA GLU C 261 -6.90 4.84 20.99
C GLU C 261 -6.14 5.04 22.29
N CYS C 262 -5.27 6.05 22.33
CA CYS C 262 -4.37 6.28 23.45
C CYS C 262 -4.58 7.68 23.99
N ASP C 263 -4.71 7.78 25.31
CA ASP C 263 -4.80 9.06 26.01
C ASP C 263 -3.47 9.31 26.71
N LEU C 264 -2.69 10.25 26.17
CA LEU C 264 -1.34 10.50 26.66
C LEU C 264 -1.31 11.21 28.01
N ASP C 265 -2.47 11.64 28.52
CA ASP C 265 -2.49 12.23 29.86
C ASP C 265 -2.16 11.18 30.92
N TRP C 266 -2.54 9.93 30.66
CA TRP C 266 -2.19 8.84 31.56
C TRP C 266 -0.81 8.29 31.21
N HIS C 267 -0.43 7.21 31.90
CA HIS C 267 0.86 6.59 31.65
C HIS C 267 0.87 5.92 30.28
N VAL C 268 2.06 5.76 29.72
CA VAL C 268 2.22 5.17 28.40
C VAL C 268 1.87 3.69 28.40
N ARG C 269 1.90 3.04 29.57
CA ARG C 269 1.55 1.63 29.65
C ARG C 269 0.10 1.38 29.28
N HIS C 270 -0.75 2.39 29.47
CA HIS C 270 -2.18 2.22 29.20
C HIS C 270 -2.61 2.52 27.76
N CYS C 271 -1.69 2.45 26.81
CA CYS C 271 -2.05 2.64 25.40
C CYS C 271 -1.95 1.27 24.73
N LYS C 272 -3.06 0.78 24.18
CA LYS C 272 -3.06 -0.58 23.62
C LYS C 272 -3.73 -0.75 22.24
N PRO C 273 -3.46 -1.89 21.51
CA PRO C 273 -4.16 -1.97 20.22
C PRO C 273 -5.43 -2.81 20.19
N ILE C 274 -6.42 -2.39 19.42
CA ILE C 274 -7.65 -3.15 19.26
C ILE C 274 -7.65 -3.75 17.85
N TYR C 275 -7.79 -5.07 17.77
CA TYR C 275 -7.78 -5.79 16.51
C TYR C 275 -9.21 -6.15 16.14
N GLN C 276 -9.63 -5.76 14.93
CA GLN C 276 -10.96 -6.05 14.43
C GLN C 276 -10.87 -6.73 13.08
N PHE C 277 -11.62 -7.81 12.91
CA PHE C 277 -11.57 -8.62 11.69
C PHE C 277 -12.87 -8.44 10.90
N HIS C 278 -12.74 -8.18 9.61
CA HIS C 278 -13.88 -8.02 8.71
C HIS C 278 -13.73 -8.97 7.53
N GLY C 279 -14.85 -9.49 7.04
CA GLY C 279 -14.85 -10.37 5.89
C GLY C 279 -15.40 -9.64 4.67
N LEU C 280 -14.56 -9.48 3.66
CA LEU C 280 -14.93 -8.83 2.41
C LEU C 280 -15.31 -9.89 1.41
N TYR C 281 -16.62 -10.11 1.24
CA TYR C 281 -17.12 -11.16 0.38
C TYR C 281 -18.21 -10.60 -0.54
N GLY C 282 -18.50 -11.35 -1.59
CA GLY C 282 -19.54 -10.97 -2.52
C GLY C 282 -20.38 -12.16 -2.90
N GLU C 283 -21.24 -11.95 -3.90
CA GLU C 283 -22.08 -13.04 -4.40
C GLU C 283 -21.22 -14.12 -5.04
N LYS C 284 -21.40 -15.36 -4.59
CA LYS C 284 -20.58 -16.47 -5.07
C LYS C 284 -20.95 -16.89 -6.49
N ASN C 285 -22.09 -16.46 -7.00
CA ASN C 285 -22.49 -16.86 -8.35
C ASN C 285 -21.62 -16.18 -9.40
N LEU C 286 -21.17 -14.96 -9.14
CA LEU C 286 -20.35 -14.21 -10.08
C LEU C 286 -18.97 -13.97 -9.47
N SER C 287 -17.95 -14.61 -10.05
CA SER C 287 -16.56 -14.46 -9.63
C SER C 287 -16.36 -14.77 -8.16
N PRO C 288 -16.50 -16.03 -7.75
CA PRO C 288 -16.34 -16.35 -6.32
C PRO C 288 -14.87 -16.46 -5.94
N GLY C 289 -14.53 -15.88 -4.79
CA GLY C 289 -13.20 -15.97 -4.25
C GLY C 289 -12.19 -15.11 -4.99
N PHE C 290 -10.93 -15.26 -4.59
CA PHE C 290 -9.82 -14.52 -5.14
C PHE C 290 -8.77 -15.50 -5.65
N ASN C 291 -8.29 -15.28 -6.88
CA ASN C 291 -7.32 -16.16 -7.51
C ASN C 291 -6.31 -15.33 -8.28
N PHE C 292 -5.15 -15.90 -8.59
CA PHE C 292 -4.19 -15.21 -9.44
C PHE C 292 -3.26 -16.23 -10.07
N ARG C 293 -2.51 -15.82 -11.09
CA ARG C 293 -1.55 -16.71 -11.70
C ARG C 293 -0.14 -16.17 -11.57
N PHE C 294 0.78 -16.98 -11.08
CA PHE C 294 2.17 -16.56 -10.98
C PHE C 294 3.04 -17.67 -11.53
N ALA C 295 4.21 -17.33 -12.04
CA ALA C 295 5.05 -18.35 -12.65
C ALA C 295 6.46 -18.40 -12.13
N ARG C 296 7.02 -19.59 -12.08
CA ARG C 296 8.42 -19.77 -11.67
C ARG C 296 9.22 -20.21 -12.89
N HIS C 297 10.17 -19.38 -13.30
CA HIS C 297 10.97 -19.63 -14.49
C HIS C 297 12.30 -20.27 -14.11
N PHE C 298 12.76 -21.21 -14.92
CA PHE C 298 14.02 -21.90 -14.69
C PHE C 298 14.60 -22.37 -16.02
N VAL C 299 15.80 -22.93 -15.95
CA VAL C 299 16.48 -23.49 -17.12
C VAL C 299 16.79 -24.94 -16.85
N GLN C 300 16.26 -25.83 -17.69
CA GLN C 300 16.47 -27.26 -17.56
C GLN C 300 16.91 -27.83 -18.91
N ASN C 301 18.00 -28.60 -18.90
CA ASN C 301 18.54 -29.22 -20.11
C ASN C 301 18.85 -28.17 -21.18
N GLY C 302 19.26 -26.99 -20.74
CA GLY C 302 19.56 -25.91 -21.65
C GLY C 302 18.36 -25.20 -22.25
N THR C 303 17.14 -25.53 -21.82
CA THR C 303 15.92 -24.94 -22.34
C THR C 303 15.21 -24.17 -21.23
N ASN C 304 14.71 -22.98 -21.55
CA ASN C 304 13.98 -22.19 -20.58
C ASN C 304 12.56 -22.71 -20.42
N ARG C 305 12.20 -23.07 -19.20
CA ARG C 305 10.86 -23.59 -18.90
C ARG C 305 10.31 -22.85 -17.69
N ARG C 306 9.06 -23.15 -17.35
CA ARG C 306 8.43 -22.52 -16.21
C ARG C 306 7.32 -23.41 -15.66
N HIS C 307 7.04 -23.22 -14.37
CA HIS C 307 5.90 -23.85 -13.70
C HIS C 307 4.88 -22.76 -13.40
N LEU C 308 3.64 -22.96 -13.86
CA LEU C 308 2.58 -21.98 -13.70
C LEU C 308 1.60 -22.43 -12.63
N PHE C 309 1.41 -21.60 -11.61
CA PHE C 309 0.52 -21.92 -10.50
C PHE C 309 -0.62 -20.91 -10.47
N LYS C 310 -1.85 -21.42 -10.60
CA LYS C 310 -3.05 -20.62 -10.35
C LYS C 310 -3.47 -20.87 -8.90
N VAL C 311 -3.30 -19.87 -8.05
CA VAL C 311 -3.46 -20.01 -6.61
C VAL C 311 -4.73 -19.28 -6.19
N PHE C 312 -5.58 -19.98 -5.43
CA PHE C 312 -6.69 -19.39 -4.69
C PHE C 312 -6.25 -19.27 -3.24
N GLY C 313 -6.08 -18.05 -2.77
CA GLY C 313 -5.59 -17.82 -1.43
C GLY C 313 -6.32 -16.67 -0.76
N ILE C 314 -6.34 -16.72 0.58
CA ILE C 314 -6.98 -15.68 1.35
C ILE C 314 -6.10 -14.44 1.37
N ARG C 315 -6.70 -13.29 1.06
CA ARG C 315 -5.99 -12.01 1.01
C ARG C 315 -6.23 -11.27 2.32
N PHE C 316 -5.14 -10.98 3.03
CA PHE C 316 -5.19 -10.27 4.30
C PHE C 316 -4.65 -8.87 4.12
N ASP C 317 -5.47 -7.87 4.45
CA ASP C 317 -5.08 -6.47 4.36
C ASP C 317 -5.03 -5.87 5.76
N ILE C 318 -3.91 -5.24 6.09
CA ILE C 318 -3.68 -4.65 7.41
C ILE C 318 -3.85 -3.14 7.29
N LEU C 319 -4.81 -2.59 8.02
CA LEU C 319 -5.07 -1.15 8.05
C LEU C 319 -4.96 -0.65 9.48
N VAL C 320 -4.13 0.36 9.69
CA VAL C 320 -3.89 0.91 11.02
C VAL C 320 -4.27 2.38 11.03
N ASP C 321 -5.18 2.74 11.94
CA ASP C 321 -5.60 4.12 12.13
C ASP C 321 -5.73 4.39 13.61
N GLY C 322 -5.22 5.53 14.06
CA GLY C 322 -5.24 5.86 15.47
C GLY C 322 -5.10 7.33 15.71
N LYS C 323 -5.37 7.73 16.96
CA LYS C 323 -5.32 9.13 17.38
C LYS C 323 -4.82 9.20 18.81
N ALA C 324 -3.93 10.15 19.09
CA ALA C 324 -3.39 10.35 20.42
C ALA C 324 -3.68 11.77 20.88
N GLY C 325 -4.12 11.90 22.13
CA GLY C 325 -4.46 13.20 22.69
C GLY C 325 -3.62 13.56 23.90
N LYS C 326 -3.10 14.79 23.91
CA LYS C 326 -2.27 15.26 25.00
C LYS C 326 -2.73 16.65 25.43
N PHE C 327 -2.65 16.92 26.73
CA PHE C 327 -3.11 18.18 27.28
C PHE C 327 -2.37 19.35 26.66
N ASP C 328 -3.12 20.42 26.34
CA ASP C 328 -2.57 21.61 25.73
C ASP C 328 -3.38 22.82 26.19
N ILE C 329 -2.73 23.99 26.23
CA ILE C 329 -3.38 25.18 26.77
C ILE C 329 -4.34 25.79 25.75
N ILE C 330 -3.91 25.86 24.49
CA ILE C 330 -4.71 26.55 23.48
C ILE C 330 -6.06 25.88 23.23
N PRO C 331 -6.14 24.55 23.03
CA PRO C 331 -7.48 23.95 22.89
C PRO C 331 -8.35 24.12 24.12
N THR C 332 -7.76 24.07 25.32
CA THR C 332 -8.53 24.29 26.53
C THR C 332 -9.11 25.70 26.56
N MET C 333 -8.29 26.70 26.22
CA MET C 333 -8.78 28.07 26.20
C MET C 333 -9.85 28.26 25.12
N THR C 334 -9.69 27.60 23.97
CA THR C 334 -10.70 27.69 22.92
C THR C 334 -12.02 27.08 23.37
N THR C 335 -11.96 25.93 24.06
CA THR C 335 -13.17 25.30 24.56
C THR C 335 -13.83 26.17 25.62
N ILE C 336 -13.03 26.80 26.48
CA ILE C 336 -13.58 27.69 27.50
C ILE C 336 -14.26 28.90 26.85
N GLY C 337 -13.64 29.45 25.81
CA GLY C 337 -14.24 30.56 25.10
C GLY C 337 -15.55 30.17 24.42
N SER C 338 -15.58 28.99 23.80
CA SER C 338 -16.81 28.51 23.18
C SER C 338 -17.90 28.29 24.23
N GLY C 339 -17.53 27.77 25.39
CA GLY C 339 -18.51 27.59 26.45
C GLY C 339 -19.05 28.91 26.98
N ILE C 340 -18.22 29.94 27.02
CA ILE C 340 -18.74 31.26 27.41
C ILE C 340 -19.92 31.64 26.51
N GLY C 341 -19.68 31.52 25.21
CA GLY C 341 -20.70 31.93 24.25
C GLY C 341 -21.81 30.96 24.13
N ILE C 342 -21.57 29.74 24.58
CA ILE C 342 -22.67 28.83 24.56
C ILE C 342 -23.53 29.34 25.69
N PHE C 343 -22.89 29.87 26.73
CA PHE C 343 -23.65 30.44 27.82
C PHE C 343 -24.32 31.71 27.35
N GLY C 344 -23.66 32.43 26.46
CA GLY C 344 -24.19 33.70 25.96
C GLY C 344 -25.61 33.58 25.49
N VAL C 345 -25.89 32.57 24.67
CA VAL C 345 -27.23 32.35 24.15
C VAL C 345 -28.26 32.40 25.26
N ALA C 346 -27.96 31.76 26.36
CA ALA C 346 -28.93 31.71 27.45
C ALA C 346 -28.86 32.90 28.39
N THR C 347 -27.76 33.64 28.37
CA THR C 347 -27.63 34.73 29.32
C THR C 347 -28.53 35.90 28.98
N VAL C 348 -29.40 35.73 27.99
CA VAL C 348 -30.30 36.80 27.58
C VAL C 348 -31.29 37.15 28.69
N LEU C 349 -31.86 38.35 28.63
CA LEU C 349 -32.76 38.80 29.68
C LEU C 349 -34.15 39.16 29.20
N CYS C 350 -35.15 38.93 30.03
CA CYS C 350 -36.51 39.30 29.70
C CYS C 350 -36.73 40.73 30.09
N ASP C 351 -36.19 41.66 29.32
CA ASP C 351 -36.31 43.07 29.63
C ASP C 351 -36.15 43.89 28.35
N LEU C 352 -37.13 44.74 28.05
CA LEU C 352 -37.04 45.60 26.87
C LEU C 352 -35.84 46.53 26.94
C1 NAG D . -26.43 -8.97 -18.38
C2 NAG D . -27.94 -9.18 -18.50
C3 NAG D . -28.55 -8.11 -19.41
C4 NAG D . -28.17 -6.72 -18.94
C5 NAG D . -26.65 -6.61 -18.81
C6 NAG D . -26.20 -5.28 -18.24
C7 NAG D . -28.55 -11.54 -18.20
C8 NAG D . -28.84 -12.84 -18.88
N2 NAG D . -28.24 -10.51 -18.99
O3 NAG D . -29.97 -8.25 -19.42
O4 NAG D . -28.63 -5.74 -19.87
O5 NAG D . -26.17 -7.63 -17.92
O6 NAG D . -26.80 -5.03 -16.97
O7 NAG D . -28.59 -11.43 -16.98
C1 NAG E . 32.01 2.40 -28.03
C2 NAG E . 31.04 2.80 -29.13
C3 NAG E . 30.87 4.32 -29.15
C4 NAG E . 30.47 4.82 -27.77
C5 NAG E . 31.45 4.32 -26.71
C6 NAG E . 31.03 4.66 -25.30
C7 NAG E . 30.98 1.24 -31.01
C8 NAG E . 31.55 0.88 -32.35
N2 NAG E . 31.49 2.32 -30.44
O3 NAG E . 29.88 4.68 -30.09
O4 NAG E . 30.46 6.24 -27.74
O5 NAG E . 31.55 2.88 -26.77
O6 NAG E . 31.85 5.69 -24.76
O7 NAG E . 30.09 0.57 -30.49
C1 NAG F . -5.86 -3.14 -31.26
C2 NAG F . -4.54 -3.03 -32.02
C3 NAG F . -4.69 -2.11 -33.21
C4 NAG F . -5.86 -2.55 -34.08
C5 NAG F . -7.13 -2.68 -33.25
C6 NAG F . -8.30 -3.24 -34.03
C7 NAG F . -2.40 -3.33 -30.86
C8 NAG F . -2.35 -4.70 -31.49
N2 NAG F . -3.47 -2.59 -31.15
O3 NAG F . -3.49 -2.10 -33.97
O4 NAG F . -6.08 -1.60 -35.13
O5 NAG F . -6.90 -3.57 -32.15
O6 NAG F . -8.08 -4.59 -34.39
O7 NAG F . -1.51 -2.93 -30.12
C10 A1D8Z G . -0.04 -1.17 -0.02
C15 A1D8Z G . -1.11 -1.83 -0.59
N01 A1D8Z G . -2.04 -3.24 -2.37
C02 A1D8Z G . -0.93 -2.53 -1.77
C03 A1D8Z G . 0.32 -2.56 -2.37
C04 A1D8Z G . 1.37 -1.88 -1.80
C05 A1D8Z G . 2.74 -1.93 -2.47
F06 A1D8Z G . 3.64 -2.43 -1.59
F07 A1D8Z G . 3.13 -0.69 -2.86
F08 A1D8Z G . 2.67 -2.76 -3.54
C09 A1D8Z G . 1.21 -1.19 -0.62
C11 A1D8Z G . -0.24 -0.41 1.28
F12 A1D8Z G . 0.81 -0.68 2.10
F13 A1D8Z G . -1.40 -0.82 1.87
F14 A1D8Z G . -0.30 0.93 1.02
PG ATP H . 20.20 4.76 -15.66
O1G ATP H . 20.81 3.59 -14.94
O2G ATP H . 19.99 4.55 -17.14
O3G ATP H . 20.85 6.08 -15.31
PB ATP H . 17.62 5.89 -15.62
O1B ATP H . 16.51 5.09 -16.24
O2B ATP H . 18.29 6.97 -16.44
O3B ATP H . 18.72 4.87 -15.05
PA ATP H . 15.93 7.70 -14.27
O1A ATP H . 14.81 7.27 -13.36
O2A ATP H . 15.63 8.09 -15.69
O3A ATP H . 17.05 6.56 -14.26
O5' ATP H . 16.71 8.92 -13.58
C5' ATP H . 17.21 10.01 -14.33
C4' ATP H . 18.62 10.34 -13.85
O4' ATP H . 18.65 10.35 -12.43
C3' ATP H . 19.62 9.28 -14.32
O3' ATP H . 20.57 9.86 -15.21
C2' ATP H . 20.32 8.78 -13.07
O2' ATP H . 21.74 8.97 -13.18
C1' ATP H . 19.77 9.61 -11.93
N9 ATP H . 19.33 8.70 -10.85
C8 ATP H . 18.16 8.03 -10.83
N7 ATP H . 18.07 7.28 -9.70
C5 ATP H . 19.18 7.48 -8.98
C6 ATP H . 19.72 7.01 -7.69
N6 ATP H . 19.04 6.14 -6.91
N1 ATP H . 20.93 7.46 -7.32
C2 ATP H . 21.64 8.31 -8.07
N3 ATP H . 21.21 8.79 -9.25
C4 ATP H . 20.01 8.42 -9.75
CA CA I . 4.42 -6.46 -3.14
MG MG J . 21.75 4.41 -18.26
C1 NAG K . 30.56 5.98 3.06
C2 NAG K . 31.56 4.89 3.44
C3 NAG K . 32.92 5.49 3.72
C4 NAG K . 33.42 6.21 2.47
C5 NAG K . 32.45 7.33 2.09
C6 NAG K . 32.03 7.29 0.65
C7 NAG K . 30.75 2.83 4.52
C8 NAG K . 30.30 2.21 5.80
N2 NAG K . 31.10 4.12 4.59
O3 NAG K . 33.84 4.47 4.09
O4 NAG K . 34.71 6.77 2.71
O5 NAG K . 31.26 7.28 2.89
O6 NAG K . 31.21 8.41 0.32
O7 NAG K . 30.83 2.20 3.47
C1 NAG L . 20.56 23.45 -11.16
C2 NAG L . 21.51 24.50 -11.75
C3 NAG L . 22.39 25.08 -10.65
C4 NAG L . 21.53 25.61 -9.50
C5 NAG L . 20.58 24.52 -9.01
C6 NAG L . 19.61 25.03 -7.95
C7 NAG L . 22.46 24.47 -14.01
C8 NAG L . 21.70 25.74 -14.25
N2 NAG L . 22.32 23.92 -12.80
O3 NAG L . 23.19 26.12 -11.18
O4 NAG L . 22.36 26.03 -8.43
O5 NAG L . 19.78 24.04 -10.09
O6 NAG L . 18.41 24.28 -7.96
O7 NAG L . 23.15 23.96 -14.88
C1 NAG M . 24.75 -28.42 19.43
C2 NAG M . 26.00 -27.89 18.73
C3 NAG M . 26.14 -26.39 18.98
C4 NAG M . 24.86 -25.66 18.59
C5 NAG M . 23.65 -26.29 19.28
C6 NAG M . 22.33 -25.70 18.86
C7 NAG M . 28.09 -29.13 18.34
C8 NAG M . 27.80 -28.98 16.88
N2 NAG M . 27.19 -28.59 19.18
O3 NAG M . 27.23 -25.88 18.22
O4 NAG M . 24.94 -24.29 18.96
O5 NAG M . 23.60 -27.70 18.98
O6 NAG M . 21.30 -25.97 19.79
O7 NAG M . 29.08 -29.71 18.75
PG ATP N . 12.49 -17.00 13.75
O1G ATP N . 13.71 -17.13 12.86
O2G ATP N . 12.06 -18.30 14.39
O3G ATP N . 11.36 -16.21 13.15
PB ATP N . 13.12 -14.52 14.97
O1B ATP N . 13.95 -14.13 16.17
O2B ATP N . 13.53 -14.07 13.59
O3B ATP N . 13.01 -16.12 15.01
PA ATP N . 11.15 -12.55 15.54
O1A ATP N . 10.30 -12.05 14.41
O2A ATP N . 12.34 -11.75 16.01
O3A ATP N . 11.59 -14.07 15.22
O5' ATP N . 10.19 -12.80 16.82
C5' ATP N . 10.74 -13.08 18.10
C4' ATP N . 10.10 -14.34 18.67
O4' ATP N . 8.72 -14.37 18.31
C3' ATP N . 10.74 -15.60 18.10
O3' ATP N . 11.41 -16.33 19.14
C2' ATP N . 9.61 -16.44 17.54
O2' ATP N . 9.60 -17.73 18.15
C1' ATP N . 8.34 -15.68 17.88
N9 ATP N . 7.50 -15.59 16.66
C8 ATP N . 7.72 -14.77 15.62
N7 ATP N . 6.76 -14.94 14.66
C5 ATP N . 5.91 -15.89 15.11
C6 ATP N . 4.69 -16.54 14.61
N6 ATP N . 4.16 -16.20 13.41
N1 ATP N . 4.11 -17.48 15.39
C2 ATP N . 4.63 -17.82 16.59
N3 ATP N . 5.73 -17.26 17.10
C4 ATP N . 6.40 -16.31 16.43
CA CA O . 17.43 -23.19 -12.95
MG MG P . 14.44 -19.52 15.10
PG ATP Q . -10.27 -17.33 -15.40
O1G ATP Q . -10.45 -15.88 -15.05
O2G ATP Q . -8.96 -17.92 -14.97
O3G ATP Q . -10.65 -17.67 -16.83
PB ATP Q . -11.51 -17.84 -12.93
O1B ATP Q . -12.04 -19.10 -12.31
O2B ATP Q . -10.24 -17.23 -12.41
O3B ATP Q . -11.36 -18.10 -14.52
PA ATP Q . -12.64 -15.45 -11.91
O1A ATP Q . -11.49 -14.56 -12.32
O2A ATP Q . -12.78 -15.91 -10.48
O3A ATP Q . -12.68 -16.74 -12.88
O5' ATP Q . -14.00 -14.71 -12.34
C5' ATP Q . -13.95 -13.49 -13.05
C4' ATP Q . -14.69 -13.63 -14.38
O4' ATP Q . -14.38 -12.50 -15.19
C3' ATP Q . -14.21 -14.87 -15.13
O3' ATP Q . -15.33 -15.57 -15.68
C2' ATP Q . -13.32 -14.37 -16.23
O2' ATP Q . -13.67 -15.00 -17.45
C1' ATP Q . -13.56 -12.87 -16.30
N9 ATP Q . -12.28 -12.13 -16.23
C8 ATP Q . -11.36 -12.23 -15.25
N7 ATP Q . -10.31 -11.41 -15.48
C5 ATP Q . -10.56 -10.77 -16.63
C6 ATP Q . -9.86 -9.75 -17.45
N6 ATP Q . -8.66 -9.26 -17.09
N1 ATP Q . -10.47 -9.35 -18.59
C2 ATP Q . -11.66 -9.84 -18.97
N3 ATP Q . -12.35 -10.75 -18.27
C4 ATP Q . -11.86 -11.25 -17.11
C1 NAG R . 4.15 -13.03 30.42
C2 NAG R . 4.43 -12.99 31.94
C3 NAG R . 3.15 -13.30 32.71
C4 NAG R . 2.01 -12.39 32.27
C5 NAG R . 1.83 -12.47 30.76
C6 NAG R . 0.78 -11.52 30.23
C7 NAG R . 6.73 -13.51 32.57
C8 NAG R . 7.70 -14.60 32.92
N2 NAG R . 5.49 -13.91 32.29
O3 NAG R . 3.40 -13.13 34.11
O4 NAG R . 0.80 -12.77 32.92
O5 NAG R . 3.07 -12.14 30.10
O6 NAG R . 0.09 -10.87 31.29
O7 NAG R . 7.06 -12.33 32.55
MG MG S . -11.25 -20.43 -16.74
#